data_6GXV
#
_entry.id   6GXV
#
_cell.length_a   180.900
_cell.length_b   180.900
_cell.length_c   77.850
_cell.angle_alpha   90.00
_cell.angle_beta   90.00
_cell.angle_gamma   90.00
#
_symmetry.space_group_name_H-M   'P 41 21 2'
#
loop_
_entity.id
_entity.type
_entity.pdbx_description
1 polymer A-amylase
2 branched alpha-D-glucopyranose-(1-4)-alpha-D-glucopyranose
3 branched 4,6-dideoxy-4-{[(1S,4R,5S,6S)-4,5,6-trihydroxy-3-(hydroxymethyl)cyclohex-2-en-1-yl]amino}-alpha-D-glucopyranose-(1-4)-alpha-D-glucopyranose-(1-4)-4,6-dideoxy-4-{[(1S,4R,5S,6S)-4,5,6-trihydroxy-3-(hydroxymethyl)cyclohex-2-en-1-yl]amino}-alpha-D-glucopyranose-(1-4)-alpha-D-glucopyranose
4 non-polymer 'CALCIUM ION'
5 non-polymer 'SODIUM ION'
6 non-polymer alpha-D-glucopyranose
7 non-polymer beta-D-glucopyranose
8 water water
#
_entity_poly.entity_id   1
_entity_poly.type   'polypeptide(L)'
_entity_poly.pdbx_seq_one_letter_code
;TFAGDNGTMMQYFEWYLPNDGTLWTKMGSDASHLKSIGITGVWFPPAYKGQSQSDVGYGVYDMYDLGEFNQKGTVRTKYG
TKAQLQSAITSLHNNGIQAYGDVVLNHRMGADATETISAVEVNPSNRNQVTSGAYNISAWTDFEFPGRGNTYSSFKWHSY
YFDGVDWDQSRQLSGKIYQIQGKAWDWEVDSENGNYDYLMGADIDYDHPDVQTEVKNWGKWFVNTLNLDGVRLDAVKHIK
FDYMSSWLSSVKSTTGKSNLFAVGEYWNTSLGALENYENKTNWSMSLFDVPLHMNFQAAANGGGYYDMRNLLNNTMMKNH
PIQAVTFVDNHDTEPGQALQSWVSDWFKPLAYATILTRQEGYPCVFYGDYYGIPSQSVSAKSTWLDKQLSARKSYAYGTQ
HDYLDNQDVIGWTREGDSAHAGSGLATVMSDGPGGSKTMYVGTAHAGQVFKDITGNRTDTVTINSAGNGTFPCNGGSVSI
WVKQ
;
_entity_poly.pdbx_strand_id   A,B
#
# COMPACT_ATOMS: atom_id res chain seq x y z
N GLY A 4 9.57 33.93 14.85
CA GLY A 4 10.48 32.99 14.11
C GLY A 4 10.42 31.56 14.63
N ASP A 5 9.40 31.20 15.43
CA ASP A 5 9.16 29.82 15.94
C ASP A 5 8.81 28.87 14.77
N ASN A 6 9.26 27.62 14.84
CA ASN A 6 8.91 26.56 13.86
C ASN A 6 7.40 26.37 13.84
N GLY A 7 6.84 26.12 12.67
CA GLY A 7 5.42 25.74 12.53
C GLY A 7 5.27 24.23 12.51
N THR A 8 4.22 23.74 13.15
CA THR A 8 3.91 22.29 13.16
C THR A 8 2.38 22.15 13.05
N MET A 9 1.94 21.41 12.06
CA MET A 9 0.51 21.13 11.82
C MET A 9 0.18 19.82 12.52
N MET A 10 -1.07 19.66 12.94
N MET A 10 -1.07 19.66 12.95
CA MET A 10 -1.62 18.35 13.33
CA MET A 10 -1.64 18.35 13.37
C MET A 10 -2.90 18.06 12.53
C MET A 10 -2.90 18.06 12.55
N GLN A 11 -2.97 16.88 11.93
CA GLN A 11 -4.22 16.37 11.33
C GLN A 11 -5.04 15.87 12.50
N TYR A 12 -6.10 16.60 12.86
CA TYR A 12 -6.88 16.30 14.08
C TYR A 12 -8.06 15.34 13.81
N PHE A 13 -7.80 14.22 13.19
CA PHE A 13 -8.78 13.11 13.07
C PHE A 13 -8.09 11.89 12.51
N GLU A 14 -8.76 10.75 12.58
CA GLU A 14 -8.41 9.53 11.82
C GLU A 14 -9.74 8.90 11.40
N TRP A 15 -9.66 7.93 10.50
CA TRP A 15 -10.82 7.30 9.83
C TRP A 15 -11.78 6.70 10.86
N TYR A 16 -11.27 5.96 11.83
CA TYR A 16 -12.07 5.00 12.64
C TYR A 16 -12.60 5.65 13.94
N LEU A 17 -12.54 6.97 14.07
CA LEU A 17 -13.11 7.63 15.28
C LEU A 17 -14.55 7.20 15.45
N PRO A 18 -15.05 7.07 16.69
CA PRO A 18 -16.45 6.74 16.91
C PRO A 18 -17.37 7.86 16.39
N ASN A 19 -18.55 7.48 15.95
CA ASN A 19 -19.60 8.43 15.53
C ASN A 19 -20.34 8.86 16.79
N ASP A 20 -19.72 9.67 17.66
CA ASP A 20 -20.31 10.02 18.98
C ASP A 20 -20.44 11.54 19.14
N GLY A 21 -20.18 12.30 18.09
CA GLY A 21 -20.36 13.77 18.13
C GLY A 21 -19.50 14.44 19.21
N THR A 22 -18.27 13.97 19.44
CA THR A 22 -17.40 14.50 20.52
C THR A 22 -16.13 15.18 19.98
N LEU A 23 -15.78 15.04 18.69
CA LEU A 23 -14.45 15.51 18.23
C LEU A 23 -14.30 17.01 18.43
N TRP A 24 -15.29 17.83 18.11
CA TRP A 24 -15.18 19.31 18.27
C TRP A 24 -14.94 19.63 19.76
N THR A 25 -15.67 19.00 20.67
CA THR A 25 -15.51 19.20 22.15
C THR A 25 -14.07 18.82 22.53
N LYS A 26 -13.59 17.68 22.05
CA LYS A 26 -12.21 17.23 22.38
C LYS A 26 -11.19 18.24 21.83
N MET A 27 -11.36 18.70 20.58
CA MET A 27 -10.39 19.58 19.91
C MET A 27 -10.27 20.88 20.72
N GLY A 28 -11.41 21.45 21.10
CA GLY A 28 -11.47 22.65 21.96
C GLY A 28 -10.74 22.43 23.27
N SER A 29 -10.98 21.30 23.96
CA SER A 29 -10.37 20.97 25.27
C SER A 29 -8.89 20.74 25.11
N ASP A 30 -8.44 20.29 23.93
CA ASP A 30 -7.02 19.90 23.68
C ASP A 30 -6.17 21.15 23.38
N ALA A 31 -6.79 22.31 23.12
CA ALA A 31 -6.07 23.47 22.53
C ALA A 31 -4.81 23.80 23.35
N SER A 32 -4.93 23.92 24.67
CA SER A 32 -3.77 24.41 25.44
C SER A 32 -2.67 23.35 25.45
N HIS A 33 -3.02 22.06 25.45
CA HIS A 33 -2.09 20.92 25.40
C HIS A 33 -1.37 20.95 24.05
N LEU A 34 -2.11 21.18 22.95
CA LEU A 34 -1.50 21.25 21.60
C LEU A 34 -0.50 22.41 21.57
N LYS A 35 -0.82 23.53 22.20
CA LYS A 35 0.11 24.68 22.27
C LYS A 35 1.37 24.27 23.02
N SER A 36 1.22 23.61 24.17
CA SER A 36 2.37 23.22 25.02
C SER A 36 3.30 22.31 24.22
N ILE A 37 2.82 21.48 23.29
CA ILE A 37 3.74 20.53 22.60
C ILE A 37 4.24 21.15 21.29
N GLY A 38 3.80 22.35 20.92
CA GLY A 38 4.35 23.07 19.75
C GLY A 38 3.50 23.00 18.49
N ILE A 39 2.25 22.50 18.57
CA ILE A 39 1.29 22.52 17.43
C ILE A 39 0.86 23.97 17.23
N THR A 40 1.00 24.48 16.01
CA THR A 40 0.72 25.88 15.61
C THR A 40 -0.40 25.94 14.56
N GLY A 41 -0.84 24.80 14.02
CA GLY A 41 -2.00 24.77 13.09
C GLY A 41 -2.67 23.41 13.18
N VAL A 42 -4.00 23.38 13.02
CA VAL A 42 -4.83 22.15 13.10
C VAL A 42 -5.66 22.03 11.82
N TRP A 43 -5.52 20.90 11.14
CA TRP A 43 -6.39 20.49 10.02
C TRP A 43 -7.52 19.63 10.61
N PHE A 44 -8.74 20.13 10.58
CA PHE A 44 -9.95 19.41 11.06
C PHE A 44 -10.71 18.86 9.86
N PRO A 45 -11.41 17.72 10.05
CA PRO A 45 -12.08 17.03 8.96
C PRO A 45 -13.24 17.80 8.33
N PRO A 46 -13.82 17.30 7.21
CA PRO A 46 -14.94 17.98 6.58
C PRO A 46 -16.04 18.17 7.62
N ALA A 47 -16.50 19.40 7.84
CA ALA A 47 -17.31 19.77 9.02
C ALA A 47 -18.80 19.93 8.65
N TYR A 48 -19.11 19.74 7.37
CA TYR A 48 -20.48 19.89 6.82
C TYR A 48 -21.17 18.52 6.71
N LYS A 49 -22.48 18.53 6.52
CA LYS A 49 -23.34 17.32 6.48
C LYS A 49 -22.98 16.35 5.33
N GLY A 50 -22.63 15.13 5.68
CA GLY A 50 -22.36 14.01 4.76
C GLY A 50 -23.65 13.25 4.43
N GLN A 51 -23.54 12.15 3.67
CA GLN A 51 -24.71 11.39 3.20
C GLN A 51 -25.34 10.64 4.38
N SER A 52 -24.64 10.55 5.52
CA SER A 52 -25.17 10.01 6.79
C SER A 52 -24.46 10.67 7.96
N GLN A 53 -25.01 10.51 9.17
CA GLN A 53 -24.40 11.04 10.40
C GLN A 53 -22.97 10.49 10.54
N SER A 54 -22.74 9.22 10.27
CA SER A 54 -21.43 8.57 10.55
C SER A 54 -20.41 8.86 9.44
N ASP A 55 -20.79 9.66 8.43
CA ASP A 55 -19.87 9.95 7.31
C ASP A 55 -18.60 10.62 7.87
N VAL A 56 -17.41 10.18 7.44
CA VAL A 56 -16.13 10.82 7.85
C VAL A 56 -16.10 12.24 7.29
N GLY A 57 -16.90 12.52 6.27
CA GLY A 57 -17.03 13.88 5.76
C GLY A 57 -16.85 13.99 4.26
N TYR A 58 -16.21 12.98 3.66
CA TYR A 58 -15.91 12.99 2.21
C TYR A 58 -17.16 12.70 1.36
N GLY A 59 -18.20 12.07 1.91
CA GLY A 59 -19.46 11.82 1.19
C GLY A 59 -20.37 13.03 1.33
N VAL A 60 -19.94 14.16 0.79
CA VAL A 60 -20.51 15.51 1.01
C VAL A 60 -21.90 15.67 0.41
N TYR A 61 -22.80 16.07 1.28
CA TYR A 61 -24.20 16.34 0.92
C TYR A 61 -24.45 17.85 0.88
N ASP A 62 -24.41 18.51 2.02
CA ASP A 62 -24.74 19.96 2.11
C ASP A 62 -23.64 20.74 2.84
N MET A 63 -22.86 21.50 2.09
CA MET A 63 -21.72 22.29 2.59
C MET A 63 -22.18 23.48 3.45
N TYR A 64 -23.44 23.86 3.40
CA TYR A 64 -24.01 24.96 4.24
C TYR A 64 -24.59 24.45 5.58
N ASP A 65 -24.48 23.14 5.86
CA ASP A 65 -25.00 22.47 7.08
C ASP A 65 -23.79 21.97 7.91
N LEU A 66 -23.34 22.78 8.87
CA LEU A 66 -22.14 22.49 9.70
C LEU A 66 -22.56 21.75 10.97
N GLY A 67 -23.55 20.86 10.86
CA GLY A 67 -24.17 20.24 12.03
C GLY A 67 -25.15 21.21 12.70
N GLU A 68 -25.96 21.88 11.88
CA GLU A 68 -26.92 22.94 12.31
C GLU A 68 -28.33 22.53 11.91
N PHE A 69 -28.52 21.78 10.82
CA PHE A 69 -29.87 21.50 10.28
C PHE A 69 -30.21 20.01 10.41
N ASN A 70 -31.51 19.76 10.55
CA ASN A 70 -32.07 18.38 10.60
C ASN A 70 -32.10 17.85 9.16
N GLN A 71 -31.03 17.13 8.78
CA GLN A 71 -30.84 16.53 7.43
C GLN A 71 -30.09 15.20 7.62
N LYS A 72 -30.49 14.17 6.87
CA LYS A 72 -29.87 12.82 6.93
C LYS A 72 -30.10 12.17 8.30
N GLY A 73 -31.19 12.52 8.96
CA GLY A 73 -31.61 11.83 10.20
C GLY A 73 -30.86 12.37 11.40
N THR A 74 -30.26 13.54 11.29
CA THR A 74 -29.38 14.07 12.37
C THR A 74 -29.26 15.57 12.24
N VAL A 75 -29.01 16.26 13.35
CA VAL A 75 -28.59 17.68 13.34
C VAL A 75 -27.06 17.69 13.29
N ARG A 76 -26.40 17.12 14.30
CA ARG A 76 -24.93 17.08 14.36
C ARG A 76 -24.37 16.29 13.15
N THR A 77 -23.14 16.62 12.77
CA THR A 77 -22.29 15.75 11.93
C THR A 77 -21.73 14.63 12.80
N LYS A 78 -20.85 13.81 12.23
CA LYS A 78 -20.11 12.77 13.00
C LYS A 78 -19.37 13.42 14.18
N TYR A 79 -18.94 14.67 13.99
CA TYR A 79 -17.98 15.37 14.87
C TYR A 79 -18.67 16.25 15.91
N GLY A 80 -19.95 16.59 15.71
CA GLY A 80 -20.68 17.49 16.63
C GLY A 80 -21.42 18.57 15.89
N THR A 81 -21.81 19.61 16.64
CA THR A 81 -22.71 20.70 16.17
C THR A 81 -21.87 21.87 15.67
N LYS A 82 -22.52 22.79 14.95
CA LYS A 82 -21.86 24.04 14.46
C LYS A 82 -21.27 24.81 15.65
N ALA A 83 -22.07 25.02 16.68
CA ALA A 83 -21.69 25.79 17.87
C ALA A 83 -20.49 25.10 18.54
N GLN A 84 -20.46 23.78 18.60
CA GLN A 84 -19.31 23.08 19.21
C GLN A 84 -18.03 23.35 18.38
N LEU A 85 -18.15 23.35 17.05
CA LEU A 85 -16.96 23.53 16.18
C LEU A 85 -16.49 24.98 16.38
N GLN A 86 -17.45 25.91 16.45
CA GLN A 86 -17.12 27.38 16.58
C GLN A 86 -16.40 27.60 17.92
N SER A 87 -16.88 26.97 18.99
N SER A 87 -16.89 26.97 18.99
CA SER A 87 -16.24 27.03 20.33
CA SER A 87 -16.27 27.03 20.34
C SER A 87 -14.84 26.46 20.25
C SER A 87 -14.85 26.44 20.27
N ALA A 88 -14.67 25.34 19.56
CA ALA A 88 -13.33 24.70 19.42
C ALA A 88 -12.35 25.63 18.70
N ILE A 89 -12.78 26.30 17.63
CA ILE A 89 -11.93 27.23 16.84
C ILE A 89 -11.64 28.45 17.72
N THR A 90 -12.59 28.92 18.53
CA THR A 90 -12.32 30.04 19.48
C THR A 90 -11.22 29.57 20.44
N SER A 91 -11.30 28.32 20.90
CA SER A 91 -10.29 27.81 21.85
C SER A 91 -8.91 27.67 21.18
N LEU A 92 -8.84 27.20 19.92
CA LEU A 92 -7.55 27.13 19.19
C LEU A 92 -6.98 28.55 19.07
N HIS A 93 -7.80 29.51 18.65
CA HIS A 93 -7.38 30.91 18.45
C HIS A 93 -6.96 31.53 19.81
N ASN A 94 -7.66 31.24 20.91
CA ASN A 94 -7.25 31.69 22.27
C ASN A 94 -5.86 31.14 22.62
N ASN A 95 -5.39 30.09 21.94
CA ASN A 95 -4.09 29.41 22.22
C ASN A 95 -3.11 29.69 21.08
N GLY A 96 -3.43 30.61 20.20
CA GLY A 96 -2.54 31.01 19.10
C GLY A 96 -2.36 29.93 18.05
N ILE A 97 -3.34 29.04 17.88
CA ILE A 97 -3.27 27.94 16.89
C ILE A 97 -4.17 28.30 15.69
N GLN A 98 -3.67 28.13 14.46
CA GLN A 98 -4.45 28.31 13.22
C GLN A 98 -5.42 27.13 13.03
N ALA A 99 -6.57 27.41 12.42
CA ALA A 99 -7.64 26.42 12.10
C ALA A 99 -7.73 26.29 10.57
N TYR A 100 -7.46 25.08 10.06
CA TYR A 100 -7.51 24.76 8.61
C TYR A 100 -8.69 23.80 8.37
N GLY A 101 -9.69 24.25 7.62
CA GLY A 101 -10.88 23.43 7.34
C GLY A 101 -10.70 22.57 6.11
N ASP A 102 -11.05 21.29 6.19
CA ASP A 102 -11.06 20.37 5.03
C ASP A 102 -12.18 20.85 4.10
N VAL A 103 -11.87 20.99 2.83
CA VAL A 103 -12.76 21.54 1.76
C VAL A 103 -12.88 20.51 0.65
N VAL A 104 -14.07 19.92 0.47
CA VAL A 104 -14.35 18.83 -0.52
C VAL A 104 -15.23 19.39 -1.66
N LEU A 105 -14.63 19.67 -2.79
CA LEU A 105 -15.33 20.39 -3.90
C LEU A 105 -15.49 19.49 -5.13
N ASN A 106 -14.94 18.28 -5.13
CA ASN A 106 -14.97 17.40 -6.32
C ASN A 106 -16.39 16.95 -6.71
N HIS A 107 -17.17 16.57 -5.72
CA HIS A 107 -18.44 15.88 -5.99
C HIS A 107 -19.45 16.13 -4.86
N ARG A 108 -20.60 15.49 -5.00
CA ARG A 108 -21.69 15.44 -4.01
C ARG A 108 -22.25 14.02 -4.03
N MET A 109 -22.72 13.57 -2.88
CA MET A 109 -23.39 12.28 -2.66
C MET A 109 -24.59 12.50 -1.73
N GLY A 110 -25.53 11.58 -1.76
CA GLY A 110 -26.79 11.63 -1.00
C GLY A 110 -27.79 12.62 -1.59
N ALA A 111 -27.95 12.62 -2.90
CA ALA A 111 -29.01 13.42 -3.55
C ALA A 111 -30.37 13.15 -2.88
N ASP A 112 -31.17 14.21 -2.78
CA ASP A 112 -32.53 14.17 -2.21
C ASP A 112 -33.48 13.38 -3.11
N ALA A 113 -33.17 13.28 -4.40
CA ALA A 113 -34.06 12.69 -5.42
C ALA A 113 -33.23 12.30 -6.65
N THR A 114 -33.72 11.32 -7.39
CA THR A 114 -33.14 10.94 -8.70
C THR A 114 -33.72 11.87 -9.77
N GLU A 115 -32.99 11.96 -10.86
CA GLU A 115 -33.44 12.62 -12.09
C GLU A 115 -33.15 11.65 -13.23
N THR A 116 -34.10 11.55 -14.14
CA THR A 116 -33.98 10.66 -15.31
C THR A 116 -33.31 11.48 -16.40
N ILE A 117 -32.09 11.13 -16.83
CA ILE A 117 -31.28 12.00 -17.71
C ILE A 117 -30.58 11.16 -18.78
N SER A 118 -30.32 11.79 -19.91
CA SER A 118 -29.56 11.15 -21.01
C SER A 118 -28.09 11.07 -20.60
N ALA A 119 -27.47 9.91 -20.79
CA ALA A 119 -26.04 9.71 -20.54
C ALA A 119 -25.44 8.75 -21.57
N VAL A 120 -24.13 8.77 -21.70
CA VAL A 120 -23.36 7.70 -22.40
C VAL A 120 -22.42 7.08 -21.36
N GLU A 121 -22.10 5.80 -21.53
CA GLU A 121 -21.01 5.12 -20.80
C GLU A 121 -19.65 5.56 -21.38
N VAL A 122 -18.65 5.65 -20.52
CA VAL A 122 -17.25 5.85 -20.98
C VAL A 122 -16.39 4.73 -20.44
N ASN A 123 -15.24 4.49 -21.09
CA ASN A 123 -14.20 3.53 -20.67
C ASN A 123 -13.62 3.98 -19.33
N PRO A 124 -13.82 3.22 -18.24
CA PRO A 124 -13.23 3.60 -16.95
C PRO A 124 -11.70 3.79 -16.99
N SER A 125 -10.97 3.17 -17.93
CA SER A 125 -9.51 3.34 -18.13
C SER A 125 -9.17 4.43 -19.15
N ASN A 126 -10.17 4.98 -19.82
CA ASN A 126 -9.98 6.05 -20.81
C ASN A 126 -11.28 6.83 -20.94
N ARG A 127 -11.54 7.73 -19.97
CA ARG A 127 -12.86 8.40 -19.85
C ARG A 127 -13.12 9.31 -21.05
N ASN A 128 -12.15 9.52 -21.96
CA ASN A 128 -12.38 10.32 -23.19
C ASN A 128 -13.03 9.43 -24.23
N GLN A 129 -13.06 8.11 -24.01
CA GLN A 129 -13.62 7.15 -24.99
C GLN A 129 -15.05 6.76 -24.57
N VAL A 130 -16.03 7.16 -25.37
CA VAL A 130 -17.47 6.83 -25.18
C VAL A 130 -17.64 5.35 -25.58
N THR A 131 -18.31 4.54 -24.78
CA THR A 131 -18.45 3.10 -25.04
C THR A 131 -19.91 2.66 -25.14
N SER A 132 -20.87 3.59 -25.20
CA SER A 132 -22.29 3.24 -25.42
C SER A 132 -22.94 4.33 -26.23
N GLY A 133 -24.11 4.04 -26.79
CA GLY A 133 -25.03 5.06 -27.30
C GLY A 133 -25.69 5.74 -26.11
N ALA A 134 -26.37 6.84 -26.36
CA ALA A 134 -27.07 7.65 -25.33
C ALA A 134 -28.35 6.95 -24.93
N TYR A 135 -28.64 6.92 -23.63
CA TYR A 135 -29.89 6.35 -23.10
C TYR A 135 -30.17 7.02 -21.77
N ASN A 136 -31.35 6.79 -21.22
CA ASN A 136 -31.82 7.49 -20.00
C ASN A 136 -31.53 6.63 -18.79
N ILE A 137 -30.81 7.24 -17.84
CA ILE A 137 -30.46 6.61 -16.54
C ILE A 137 -31.21 7.36 -15.44
N SER A 138 -31.34 6.72 -14.29
CA SER A 138 -31.87 7.29 -13.03
C SER A 138 -30.65 7.73 -12.19
N ALA A 139 -30.33 9.01 -12.20
CA ALA A 139 -29.11 9.56 -11.55
C ALA A 139 -29.43 10.28 -10.23
N TRP A 140 -28.54 10.12 -9.25
CA TRP A 140 -28.58 10.84 -7.95
C TRP A 140 -27.99 12.26 -8.11
N THR A 141 -28.75 13.20 -8.69
CA THR A 141 -28.24 14.52 -9.08
C THR A 141 -29.13 15.65 -8.56
N ASP A 142 -30.22 15.34 -7.85
CA ASP A 142 -31.15 16.41 -7.38
C ASP A 142 -30.86 16.70 -5.90
N PHE A 143 -30.28 17.87 -5.60
CA PHE A 143 -29.97 18.34 -4.23
C PHE A 143 -30.73 19.63 -3.94
N GLU A 144 -31.70 19.54 -3.01
CA GLU A 144 -32.62 20.65 -2.65
C GLU A 144 -32.43 21.10 -1.20
N PHE A 145 -31.88 20.26 -0.34
CA PHE A 145 -31.61 20.60 1.10
C PHE A 145 -32.87 21.12 1.80
N PRO A 146 -34.04 20.46 1.71
CA PRO A 146 -35.25 20.98 2.36
C PRO A 146 -35.12 21.15 3.87
N GLY A 147 -34.30 20.33 4.55
CA GLY A 147 -34.05 20.45 5.99
C GLY A 147 -33.43 21.80 6.34
N ARG A 148 -32.59 22.35 5.45
CA ARG A 148 -31.98 23.70 5.70
C ARG A 148 -32.92 24.84 5.26
N GLY A 149 -33.83 24.59 4.34
CA GLY A 149 -34.91 25.53 3.93
C GLY A 149 -34.39 26.88 3.44
N ASN A 150 -33.33 26.86 2.63
CA ASN A 150 -32.78 28.05 1.95
C ASN A 150 -31.98 28.94 2.92
N THR A 151 -31.80 28.58 4.20
CA THR A 151 -30.95 29.35 5.14
C THR A 151 -29.54 29.42 4.59
N TYR A 152 -29.03 30.65 4.51
CA TYR A 152 -27.69 31.05 4.02
C TYR A 152 -27.61 30.98 2.49
N SER A 153 -28.39 30.14 1.80
CA SER A 153 -28.21 29.91 0.33
C SER A 153 -29.43 29.20 -0.26
N SER A 154 -30.02 29.76 -1.32
N SER A 154 -30.01 29.76 -1.32
CA SER A 154 -31.16 29.15 -2.05
CA SER A 154 -31.15 29.19 -2.06
C SER A 154 -30.65 28.31 -3.22
C SER A 154 -30.65 28.33 -3.23
N PHE A 155 -29.35 28.06 -3.33
CA PHE A 155 -28.80 27.32 -4.49
C PHE A 155 -29.19 25.84 -4.39
N LYS A 156 -29.76 25.32 -5.47
CA LYS A 156 -30.14 23.89 -5.63
C LYS A 156 -29.31 23.26 -6.76
N TRP A 157 -28.94 21.99 -6.63
CA TRP A 157 -28.15 21.24 -7.63
C TRP A 157 -29.08 20.34 -8.46
N HIS A 158 -28.83 20.27 -9.77
CA HIS A 158 -29.49 19.37 -10.74
C HIS A 158 -28.41 18.78 -11.63
N SER A 159 -28.84 17.79 -12.42
CA SER A 159 -27.98 17.06 -13.39
C SER A 159 -27.09 18.02 -14.19
N TYR A 160 -27.62 19.18 -14.59
CA TYR A 160 -26.90 20.07 -15.56
C TYR A 160 -25.74 20.80 -14.85
N TYR A 161 -25.55 20.60 -13.56
CA TYR A 161 -24.36 21.09 -12.80
C TYR A 161 -23.33 19.97 -12.57
N PHE A 162 -23.59 18.74 -13.02
CA PHE A 162 -22.69 17.57 -12.92
C PHE A 162 -22.19 17.14 -14.32
N ASP A 163 -20.96 16.62 -14.39
CA ASP A 163 -20.34 16.05 -15.61
C ASP A 163 -20.67 14.57 -15.72
N GLY A 164 -20.88 13.87 -14.59
CA GLY A 164 -21.12 12.43 -14.65
C GLY A 164 -21.41 11.80 -13.30
N VAL A 165 -21.83 10.53 -13.35
CA VAL A 165 -22.13 9.65 -12.17
C VAL A 165 -21.59 8.26 -12.49
N ASP A 166 -21.60 7.35 -11.50
CA ASP A 166 -21.15 5.96 -11.67
C ASP A 166 -22.28 4.97 -11.35
N TRP A 167 -23.52 5.45 -11.32
CA TRP A 167 -24.68 4.62 -10.90
C TRP A 167 -25.97 5.06 -11.60
N ASP A 168 -26.66 4.07 -12.13
CA ASP A 168 -28.03 4.12 -12.68
C ASP A 168 -28.92 3.37 -11.70
N GLN A 169 -29.72 4.09 -10.92
CA GLN A 169 -30.55 3.47 -9.86
C GLN A 169 -31.55 2.49 -10.52
N SER A 170 -31.90 2.69 -11.82
CA SER A 170 -32.89 1.90 -12.59
C SER A 170 -32.32 0.58 -13.12
N ARG A 171 -30.99 0.43 -13.20
CA ARG A 171 -30.36 -0.74 -13.84
C ARG A 171 -29.28 -1.39 -12.96
N GLN A 172 -28.69 -0.64 -12.05
CA GLN A 172 -27.76 -1.12 -10.99
C GLN A 172 -26.63 -1.96 -11.62
N LEU A 173 -25.97 -1.42 -12.63
CA LEU A 173 -24.80 -2.05 -13.30
C LEU A 173 -23.50 -1.53 -12.63
N SER A 174 -22.62 -2.46 -12.28
CA SER A 174 -21.31 -2.19 -11.63
C SER A 174 -20.25 -1.87 -12.68
N GLY A 175 -19.21 -1.14 -12.29
CA GLY A 175 -18.01 -0.87 -13.12
C GLY A 175 -18.33 0.07 -14.28
N LYS A 176 -19.37 0.90 -14.18
CA LYS A 176 -19.64 1.90 -15.23
C LYS A 176 -19.26 3.30 -14.74
N ILE A 177 -18.98 4.17 -15.70
CA ILE A 177 -18.94 5.65 -15.52
C ILE A 177 -19.83 6.27 -16.60
N TYR A 178 -20.76 7.10 -16.17
CA TYR A 178 -21.73 7.75 -17.08
C TYR A 178 -21.36 9.23 -17.25
N GLN A 179 -21.20 9.68 -18.50
CA GLN A 179 -21.05 11.09 -18.88
C GLN A 179 -22.44 11.64 -19.21
N ILE A 180 -22.87 12.67 -18.48
N ILE A 180 -22.87 12.67 -18.49
CA ILE A 180 -24.19 13.35 -18.67
CA ILE A 180 -24.22 13.28 -18.67
C ILE A 180 -24.21 13.92 -20.08
C ILE A 180 -24.25 13.96 -20.05
N GLN A 181 -25.35 13.80 -20.79
CA GLN A 181 -25.40 14.14 -22.23
C GLN A 181 -25.09 15.63 -22.35
N GLY A 182 -24.21 16.00 -23.27
CA GLY A 182 -23.86 17.42 -23.56
C GLY A 182 -22.69 17.91 -22.72
N LYS A 183 -22.19 17.10 -21.80
CA LYS A 183 -21.13 17.53 -20.85
C LYS A 183 -19.77 17.06 -21.36
N ALA A 184 -18.71 17.70 -20.92
CA ALA A 184 -17.32 17.32 -21.25
C ALA A 184 -16.54 17.25 -19.94
N TRP A 185 -15.67 16.25 -19.79
CA TRP A 185 -14.79 16.19 -18.61
C TRP A 185 -14.04 17.52 -18.53
N ASP A 186 -13.89 18.07 -17.35
CA ASP A 186 -13.16 19.33 -17.10
C ASP A 186 -11.69 19.15 -17.50
N TRP A 187 -11.00 20.29 -17.72
CA TRP A 187 -9.57 20.32 -18.10
C TRP A 187 -8.99 21.66 -17.64
N GLU A 188 -7.79 21.67 -17.03
CA GLU A 188 -6.89 20.54 -16.88
C GLU A 188 -7.23 19.77 -15.60
N VAL A 189 -7.13 18.45 -15.68
CA VAL A 189 -7.12 17.54 -14.51
C VAL A 189 -5.99 16.55 -14.75
N ASP A 190 -5.71 15.72 -13.76
CA ASP A 190 -4.79 14.58 -13.90
C ASP A 190 -5.20 13.74 -15.11
N SER A 191 -4.25 13.17 -15.86
CA SER A 191 -4.55 12.40 -17.09
C SER A 191 -4.49 10.89 -16.87
N GLU A 192 -4.29 10.40 -15.65
CA GLU A 192 -4.44 8.95 -15.37
C GLU A 192 -5.87 8.56 -15.79
N ASN A 193 -6.04 7.42 -16.46
CA ASN A 193 -7.32 6.94 -17.05
C ASN A 193 -7.75 7.91 -18.16
N GLY A 194 -6.78 8.61 -18.78
CA GLY A 194 -6.97 9.56 -19.91
C GLY A 194 -7.49 10.91 -19.44
N ASN A 195 -8.53 10.91 -18.60
CA ASN A 195 -9.00 12.15 -17.95
C ASN A 195 -9.57 11.77 -16.59
N TYR A 196 -8.97 12.27 -15.52
CA TYR A 196 -9.29 11.83 -14.14
C TYR A 196 -10.22 12.83 -13.45
N ASP A 197 -11.05 13.55 -14.20
CA ASP A 197 -12.09 14.44 -13.58
C ASP A 197 -12.98 13.59 -12.68
N TYR A 198 -13.49 12.48 -13.21
CA TYR A 198 -14.46 11.60 -12.49
C TYR A 198 -13.67 10.80 -11.45
N LEU A 199 -14.09 10.86 -10.18
CA LEU A 199 -13.52 9.99 -9.10
C LEU A 199 -14.64 9.15 -8.49
N MET A 200 -15.69 9.79 -7.98
CA MET A 200 -16.85 9.12 -7.33
C MET A 200 -18.01 10.11 -7.22
N GLY A 201 -19.20 9.61 -6.91
CA GLY A 201 -20.36 10.45 -6.60
C GLY A 201 -20.84 11.13 -7.87
N ALA A 202 -21.50 12.27 -7.68
CA ALA A 202 -21.94 13.19 -8.75
C ALA A 202 -20.83 14.23 -8.93
N ASP A 203 -20.11 14.11 -10.05
CA ASP A 203 -18.91 14.89 -10.40
C ASP A 203 -19.33 16.31 -10.80
N ILE A 204 -18.89 17.31 -10.05
CA ILE A 204 -19.26 18.72 -10.32
C ILE A 204 -18.63 19.15 -11.65
N ASP A 205 -19.45 19.85 -12.44
CA ASP A 205 -19.08 20.47 -13.73
C ASP A 205 -18.50 21.88 -13.49
N TYR A 206 -17.17 22.02 -13.37
CA TYR A 206 -16.51 23.34 -13.11
C TYR A 206 -16.36 24.11 -14.43
N ASP A 207 -16.97 23.63 -15.52
CA ASP A 207 -17.17 24.46 -16.72
C ASP A 207 -18.39 25.37 -16.53
N HIS A 208 -19.33 25.02 -15.65
CA HIS A 208 -20.63 25.71 -15.56
C HIS A 208 -20.47 27.01 -14.78
N PRO A 209 -20.81 28.18 -15.38
CA PRO A 209 -20.59 29.47 -14.74
C PRO A 209 -21.42 29.66 -13.45
N ASP A 210 -22.63 29.09 -13.38
CA ASP A 210 -23.43 29.14 -12.12
C ASP A 210 -22.70 28.37 -11.01
N VAL A 211 -22.05 27.26 -11.36
CA VAL A 211 -21.29 26.41 -10.39
C VAL A 211 -20.05 27.21 -9.96
N GLN A 212 -19.32 27.76 -10.91
CA GLN A 212 -18.10 28.59 -10.66
C GLN A 212 -18.40 29.67 -9.61
N THR A 213 -19.45 30.45 -9.84
CA THR A 213 -19.90 31.55 -8.93
C THR A 213 -20.32 30.96 -7.59
N GLU A 214 -21.19 29.95 -7.60
CA GLU A 214 -21.76 29.38 -6.36
C GLU A 214 -20.64 28.86 -5.46
N VAL A 215 -19.66 28.12 -6.00
CA VAL A 215 -18.65 27.43 -5.15
C VAL A 215 -17.66 28.46 -4.57
N LYS A 216 -17.41 29.58 -5.28
CA LYS A 216 -16.69 30.74 -4.68
C LYS A 216 -17.51 31.37 -3.54
N ASN A 217 -18.84 31.47 -3.71
CA ASN A 217 -19.74 32.11 -2.72
C ASN A 217 -19.73 31.25 -1.45
N TRP A 218 -19.87 29.94 -1.62
CA TRP A 218 -19.80 28.97 -0.50
C TRP A 218 -18.47 29.13 0.21
N GLY A 219 -17.36 29.15 -0.51
CA GLY A 219 -16.01 29.27 0.08
C GLY A 219 -15.90 30.49 0.98
N LYS A 220 -16.39 31.62 0.50
CA LYS A 220 -16.46 32.89 1.24
C LYS A 220 -17.28 32.68 2.53
N TRP A 221 -18.48 32.12 2.43
CA TRP A 221 -19.36 31.85 3.61
C TRP A 221 -18.68 30.93 4.64
N PHE A 222 -17.96 29.90 4.19
CA PHE A 222 -17.39 28.85 5.05
C PHE A 222 -16.24 29.47 5.87
N VAL A 223 -15.33 30.13 5.18
CA VAL A 223 -14.17 30.83 5.84
C VAL A 223 -14.69 31.90 6.80
N ASN A 224 -15.70 32.67 6.41
CA ASN A 224 -16.26 33.75 7.27
C ASN A 224 -16.92 33.10 8.46
N THR A 225 -17.80 32.12 8.21
CA THR A 225 -18.61 31.52 9.29
C THR A 225 -17.71 30.95 10.37
N LEU A 226 -16.65 30.23 10.02
CA LEU A 226 -15.81 29.57 11.02
C LEU A 226 -14.54 30.39 11.30
N ASN A 227 -14.38 31.56 10.68
CA ASN A 227 -13.22 32.45 10.90
C ASN A 227 -11.92 31.67 10.68
N LEU A 228 -11.80 31.03 9.52
CA LEU A 228 -10.66 30.12 9.22
C LEU A 228 -9.39 30.90 8.82
N ASP A 229 -8.26 30.29 9.14
CA ASP A 229 -6.88 30.74 8.80
C ASP A 229 -6.42 30.06 7.49
N GLY A 230 -7.00 28.90 7.15
CA GLY A 230 -6.59 28.13 5.97
C GLY A 230 -7.58 27.02 5.64
N VAL A 231 -7.25 26.30 4.56
CA VAL A 231 -8.09 25.20 4.01
C VAL A 231 -7.16 24.05 3.63
N ARG A 232 -7.62 22.81 3.83
CA ARG A 232 -7.02 21.62 3.21
C ARG A 232 -7.92 21.27 2.01
N LEU A 233 -7.37 21.30 0.80
CA LEU A 233 -8.18 21.08 -0.43
C LEU A 233 -8.10 19.61 -0.86
N ASP A 234 -9.24 18.92 -0.78
CA ASP A 234 -9.40 17.49 -1.10
C ASP A 234 -9.35 17.23 -2.60
N ALA A 235 -8.62 16.20 -3.02
CA ALA A 235 -8.77 15.60 -4.38
C ALA A 235 -8.53 16.65 -5.45
N VAL A 236 -7.46 17.44 -5.32
CA VAL A 236 -7.25 18.58 -6.25
C VAL A 236 -6.86 18.04 -7.65
N LYS A 237 -6.35 16.83 -7.75
CA LYS A 237 -6.00 16.26 -9.08
C LYS A 237 -7.29 15.99 -9.89
N HIS A 238 -8.46 16.03 -9.26
CA HIS A 238 -9.74 15.69 -9.97
C HIS A 238 -10.57 16.95 -10.18
N ILE A 239 -10.01 18.13 -9.90
CA ILE A 239 -10.75 19.41 -10.02
C ILE A 239 -10.01 20.33 -11.00
N LYS A 240 -10.71 20.83 -12.00
CA LYS A 240 -10.20 21.80 -13.01
C LYS A 240 -9.15 22.73 -12.37
N PHE A 241 -7.90 22.61 -12.81
CA PHE A 241 -6.74 23.28 -12.15
C PHE A 241 -6.99 24.79 -12.12
N ASP A 242 -7.35 25.40 -13.26
CA ASP A 242 -7.47 26.89 -13.37
C ASP A 242 -8.65 27.36 -12.50
N TYR A 243 -9.69 26.53 -12.30
CA TYR A 243 -10.81 26.91 -11.40
C TYR A 243 -10.31 26.93 -9.94
N MET A 244 -9.59 25.91 -9.50
CA MET A 244 -9.17 25.82 -8.07
C MET A 244 -8.29 27.05 -7.75
N SER A 245 -7.40 27.42 -8.65
CA SER A 245 -6.51 28.60 -8.55
C SER A 245 -7.35 29.88 -8.37
N SER A 246 -8.34 30.08 -9.24
CA SER A 246 -9.30 31.22 -9.21
C SER A 246 -10.12 31.19 -7.91
N TRP A 247 -10.54 30.00 -7.46
CA TRP A 247 -11.34 29.84 -6.22
C TRP A 247 -10.54 30.37 -5.05
N LEU A 248 -9.29 29.98 -4.95
CA LEU A 248 -8.42 30.34 -3.80
C LEU A 248 -8.18 31.86 -3.82
N SER A 249 -7.95 32.47 -5.00
CA SER A 249 -7.76 33.94 -5.11
C SER A 249 -9.02 34.64 -4.63
N SER A 250 -10.16 34.14 -5.08
CA SER A 250 -11.47 34.79 -4.82
C SER A 250 -11.74 34.80 -3.30
N VAL A 251 -11.58 33.67 -2.63
CA VAL A 251 -11.87 33.53 -1.18
C VAL A 251 -10.91 34.46 -0.39
N LYS A 252 -9.63 34.46 -0.71
CA LYS A 252 -8.66 35.38 -0.06
C LYS A 252 -9.17 36.83 -0.19
N SER A 253 -9.56 37.23 -1.39
N SER A 253 -9.56 37.24 -1.40
CA SER A 253 -9.94 38.62 -1.70
CA SER A 253 -9.96 38.64 -1.70
C SER A 253 -11.25 38.99 -0.97
C SER A 253 -11.25 38.98 -0.96
N THR A 254 -12.24 38.09 -0.87
CA THR A 254 -13.57 38.44 -0.33
C THR A 254 -13.67 38.31 1.20
N THR A 255 -12.81 37.52 1.87
CA THR A 255 -12.94 37.15 3.30
C THR A 255 -12.02 38.00 4.18
N GLY A 256 -11.16 38.84 3.60
CA GLY A 256 -10.13 39.57 4.35
C GLY A 256 -8.99 38.67 4.75
N LYS A 257 -9.00 37.39 4.36
CA LYS A 257 -7.92 36.43 4.70
C LYS A 257 -6.92 36.43 3.54
N SER A 258 -6.16 37.53 3.40
CA SER A 258 -5.25 37.78 2.24
C SER A 258 -4.18 36.71 2.17
N ASN A 259 -3.73 36.18 3.31
CA ASN A 259 -2.69 35.13 3.36
C ASN A 259 -3.28 33.81 3.84
N LEU A 260 -4.53 33.53 3.50
CA LEU A 260 -5.18 32.21 3.79
C LEU A 260 -4.20 31.11 3.41
N PHE A 261 -3.87 30.22 4.34
CA PHE A 261 -3.00 29.05 4.10
C PHE A 261 -3.79 28.00 3.31
N ALA A 262 -3.20 27.41 2.27
CA ALA A 262 -3.84 26.36 1.46
C ALA A 262 -2.83 25.25 1.24
N VAL A 263 -3.24 24.03 1.60
CA VAL A 263 -2.51 22.79 1.27
C VAL A 263 -3.48 21.90 0.48
N GLY A 264 -3.09 21.50 -0.73
CA GLY A 264 -3.84 20.57 -1.57
C GLY A 264 -3.34 19.14 -1.44
N GLU A 265 -4.26 18.20 -1.57
CA GLU A 265 -3.99 16.75 -1.67
C GLU A 265 -4.03 16.37 -3.14
N TYR A 266 -2.87 16.30 -3.77
CA TYR A 266 -2.64 15.76 -5.12
C TYR A 266 -1.97 14.42 -4.91
N TRP A 267 -2.78 13.36 -4.87
CA TRP A 267 -2.27 12.00 -4.60
C TRP A 267 -1.70 11.47 -5.90
N ASN A 268 -0.37 11.52 -5.99
CA ASN A 268 0.44 10.94 -7.08
C ASN A 268 1.80 10.68 -6.47
N THR A 269 2.43 9.57 -6.83
CA THR A 269 3.70 9.14 -6.22
C THR A 269 4.89 9.72 -7.00
N SER A 270 4.64 10.40 -8.12
CA SER A 270 5.71 10.99 -8.96
C SER A 270 5.75 12.51 -8.75
N LEU A 271 6.92 13.04 -8.35
CA LEU A 271 7.11 14.50 -8.10
C LEU A 271 6.61 15.31 -9.30
N GLY A 272 6.90 14.88 -10.52
CA GLY A 272 6.56 15.67 -11.73
C GLY A 272 5.09 16.06 -11.80
N ALA A 273 4.19 15.19 -11.35
CA ALA A 273 2.73 15.45 -11.32
C ALA A 273 2.43 16.61 -10.40
N LEU A 274 3.05 16.63 -9.20
CA LEU A 274 2.87 17.69 -8.18
C LEU A 274 3.45 19.01 -8.73
N GLU A 275 4.52 18.94 -9.53
CA GLU A 275 5.19 20.16 -10.07
C GLU A 275 4.30 20.75 -11.16
N ASN A 276 3.67 19.89 -11.97
CA ASN A 276 2.73 20.34 -13.03
C ASN A 276 1.57 21.07 -12.36
N TYR A 277 1.01 20.49 -11.30
CA TYR A 277 -0.10 21.14 -10.55
C TYR A 277 0.35 22.54 -10.08
N GLU A 278 1.51 22.62 -9.41
CA GLU A 278 1.99 23.92 -8.87
CA GLU A 278 2.03 23.90 -8.88
C GLU A 278 2.14 24.91 -10.02
N ASN A 279 2.73 24.48 -11.14
CA ASN A 279 2.92 25.31 -12.36
C ASN A 279 1.56 25.83 -12.82
N LYS A 280 0.55 24.97 -12.91
CA LYS A 280 -0.77 25.35 -13.46
C LYS A 280 -1.59 26.16 -12.44
N THR A 281 -1.20 26.22 -11.14
CA THR A 281 -1.95 27.01 -10.13
C THR A 281 -1.06 28.13 -9.59
N ASN A 282 -0.01 28.50 -10.32
CA ASN A 282 0.85 29.70 -10.02
C ASN A 282 1.56 29.56 -8.68
N TRP A 283 1.88 28.34 -8.23
CA TRP A 283 2.60 28.09 -6.96
C TRP A 283 1.87 28.80 -5.82
N SER A 284 0.53 28.77 -5.81
CA SER A 284 -0.29 29.55 -4.83
C SER A 284 -0.59 28.73 -3.57
N MET A 285 -0.34 27.42 -3.59
CA MET A 285 -0.69 26.55 -2.44
C MET A 285 0.43 25.54 -2.20
N SER A 286 0.49 25.02 -0.98
CA SER A 286 1.37 23.88 -0.62
C SER A 286 0.68 22.57 -1.04
N LEU A 287 1.41 21.46 -1.09
CA LEU A 287 0.86 20.12 -1.43
C LEU A 287 1.42 19.13 -0.41
N PHE A 288 0.66 18.10 -0.06
CA PHE A 288 1.16 17.01 0.81
C PHE A 288 2.30 16.31 0.06
N ASP A 289 3.41 16.07 0.75
CA ASP A 289 4.62 15.47 0.15
C ASP A 289 4.39 13.96 0.03
N VAL A 290 3.62 13.56 -0.98
CA VAL A 290 3.23 12.13 -1.14
C VAL A 290 4.49 11.30 -1.41
N PRO A 291 5.41 11.73 -2.30
CA PRO A 291 6.66 10.97 -2.55
C PRO A 291 7.51 10.69 -1.31
N LEU A 292 7.61 11.63 -0.37
CA LEU A 292 8.39 11.45 0.89
C LEU A 292 7.70 10.36 1.71
N HIS A 293 6.36 10.34 1.75
CA HIS A 293 5.60 9.29 2.49
C HIS A 293 5.95 7.90 1.91
N MET A 294 5.98 7.78 0.59
N MET A 294 5.98 7.77 0.58
CA MET A 294 6.36 6.53 -0.11
CA MET A 294 6.35 6.50 -0.09
C MET A 294 7.81 6.15 0.22
C MET A 294 7.81 6.15 0.22
N ASN A 295 8.71 7.14 0.30
CA ASN A 295 10.12 6.92 0.67
C ASN A 295 10.16 6.36 2.10
N PHE A 296 9.41 6.92 3.05
CA PHE A 296 9.37 6.41 4.44
C PHE A 296 8.87 4.97 4.43
N GLN A 297 7.88 4.67 3.58
CA GLN A 297 7.34 3.28 3.54
C GLN A 297 8.43 2.34 2.97
N ALA A 298 9.10 2.73 1.88
CA ALA A 298 10.12 1.86 1.24
C ALA A 298 11.27 1.57 2.22
N ALA A 299 11.74 2.57 2.97
CA ALA A 299 12.81 2.41 3.99
C ALA A 299 12.33 1.42 5.07
N ALA A 300 11.14 1.64 5.64
CA ALA A 300 10.55 0.77 6.67
C ALA A 300 10.47 -0.65 6.07
N ASN A 301 10.05 -0.79 4.81
CA ASN A 301 9.73 -2.12 4.26
C ASN A 301 11.01 -2.82 3.75
N GLY A 302 12.14 -2.11 3.75
CA GLY A 302 13.41 -2.65 3.25
C GLY A 302 14.16 -3.43 4.32
N GLY A 303 13.74 -3.33 5.57
CA GLY A 303 14.30 -4.09 6.71
C GLY A 303 15.82 -4.02 6.76
N GLY A 304 16.38 -2.81 6.56
CA GLY A 304 17.83 -2.56 6.69
C GLY A 304 18.50 -2.38 5.34
N TYR A 305 17.90 -2.87 4.26
CA TYR A 305 18.56 -2.92 2.94
C TYR A 305 18.21 -1.70 2.10
N TYR A 306 17.28 -0.85 2.53
CA TYR A 306 17.00 0.41 1.83
C TYR A 306 18.30 1.23 1.82
N ASP A 307 18.58 2.00 0.77
CA ASP A 307 19.72 2.97 0.78
C ASP A 307 19.25 4.28 1.41
N MET A 308 19.57 4.52 2.67
CA MET A 308 19.09 5.71 3.42
C MET A 308 19.61 7.03 2.82
N ARG A 309 20.61 6.99 1.94
CA ARG A 309 21.09 8.21 1.22
C ARG A 309 19.96 8.75 0.30
N ASN A 310 19.02 7.89 -0.11
CA ASN A 310 17.95 8.23 -1.11
C ASN A 310 16.67 8.71 -0.43
N LEU A 311 16.63 8.82 0.90
CA LEU A 311 15.35 9.00 1.66
C LEU A 311 14.61 10.27 1.20
N LEU A 312 15.30 11.34 0.81
CA LEU A 312 14.66 12.64 0.46
C LEU A 312 14.54 12.83 -1.06
N ASN A 313 15.00 11.89 -1.88
CA ASN A 313 15.05 12.04 -3.35
C ASN A 313 13.63 12.15 -3.93
N ASN A 314 13.43 13.06 -4.89
CA ASN A 314 12.18 13.17 -5.66
C ASN A 314 11.04 13.56 -4.73
N THR A 315 11.31 14.37 -3.69
CA THR A 315 10.29 14.81 -2.71
C THR A 315 10.03 16.30 -2.87
N MET A 316 8.87 16.74 -2.43
CA MET A 316 8.58 18.18 -2.24
C MET A 316 9.54 18.74 -1.18
N MET A 317 9.82 18.00 -0.11
N MET A 317 9.82 18.00 -0.11
N MET A 317 9.82 17.99 -0.12
CA MET A 317 10.66 18.45 1.02
CA MET A 317 10.66 18.45 1.02
CA MET A 317 10.65 18.48 1.02
C MET A 317 12.02 18.93 0.50
C MET A 317 12.02 18.93 0.50
C MET A 317 12.02 18.93 0.50
N LYS A 318 12.66 18.14 -0.35
CA LYS A 318 13.99 18.46 -0.94
C LYS A 318 13.85 19.53 -2.04
N ASN A 319 12.87 19.43 -2.92
CA ASN A 319 12.88 20.17 -4.21
C ASN A 319 12.06 21.47 -4.11
N HIS A 320 11.05 21.53 -3.25
CA HIS A 320 10.08 22.65 -3.16
C HIS A 320 9.65 22.86 -1.71
N PRO A 321 10.62 23.04 -0.77
CA PRO A 321 10.33 23.07 0.66
C PRO A 321 9.30 24.10 1.11
N ILE A 322 9.25 25.25 0.44
CA ILE A 322 8.25 26.30 0.80
C ILE A 322 6.84 25.68 0.65
N GLN A 323 6.64 24.85 -0.37
CA GLN A 323 5.29 24.33 -0.73
C GLN A 323 5.07 22.91 -0.18
N ALA A 324 6.01 22.38 0.59
CA ALA A 324 5.95 20.98 1.07
C ALA A 324 5.21 20.93 2.41
N VAL A 325 4.11 20.17 2.49
CA VAL A 325 3.50 19.75 3.78
C VAL A 325 3.85 18.28 3.94
N THR A 326 4.78 18.02 4.84
CA THR A 326 5.43 16.70 5.04
C THR A 326 4.59 15.93 6.03
N PHE A 327 4.49 14.61 5.84
CA PHE A 327 3.70 13.74 6.71
C PHE A 327 4.26 12.32 6.68
N VAL A 328 3.96 11.56 7.72
CA VAL A 328 4.37 10.13 7.80
C VAL A 328 3.17 9.26 7.43
N ASP A 329 1.99 9.51 7.99
CA ASP A 329 0.75 8.76 7.63
C ASP A 329 -0.44 9.69 7.75
N ASN A 330 -1.58 9.28 7.20
CA ASN A 330 -2.82 10.07 7.26
C ASN A 330 -4.00 9.09 7.32
N HIS A 331 -5.20 9.61 7.24
CA HIS A 331 -6.47 8.88 7.43
C HIS A 331 -6.69 7.89 6.29
N ASP A 332 -6.00 8.09 5.16
CA ASP A 332 -6.12 7.21 3.96
C ASP A 332 -5.03 6.14 3.95
N THR A 333 -3.87 6.39 4.56
CA THR A 333 -2.72 5.43 4.52
C THR A 333 -2.80 4.49 5.71
N GLU A 334 -3.67 4.77 6.68
CA GLU A 334 -3.79 3.94 7.89
C GLU A 334 -4.36 2.56 7.54
N PRO A 335 -4.14 1.55 8.40
CA PRO A 335 -4.58 0.19 8.11
C PRO A 335 -6.06 0.12 7.71
N GLY A 336 -6.29 -0.57 6.62
CA GLY A 336 -7.63 -0.87 6.08
C GLY A 336 -8.16 0.24 5.21
N GLN A 337 -7.46 1.36 5.02
CA GLN A 337 -8.08 2.50 4.27
C GLN A 337 -7.59 2.57 2.81
N ALA A 338 -8.13 3.50 2.01
CA ALA A 338 -8.11 3.45 0.54
C ALA A 338 -6.70 3.58 -0.03
N LEU A 339 -5.80 4.25 0.68
CA LEU A 339 -4.39 4.43 0.26
C LEU A 339 -3.44 3.70 1.20
N GLN A 340 -3.88 2.58 1.77
CA GLN A 340 -3.12 1.82 2.80
C GLN A 340 -1.67 1.72 2.37
N SER A 341 -0.75 2.28 3.19
CA SER A 341 0.70 2.31 2.90
C SER A 341 1.42 2.75 4.18
N TRP A 342 1.15 2.04 5.25
CA TRP A 342 1.40 2.39 6.67
C TRP A 342 2.88 2.24 6.98
N VAL A 343 3.46 3.28 7.58
CA VAL A 343 4.87 3.26 8.03
C VAL A 343 4.93 2.51 9.36
N SER A 344 5.62 1.38 9.38
CA SER A 344 5.72 0.46 10.55
C SER A 344 6.20 1.20 11.78
N ASP A 345 5.73 0.76 12.95
CA ASP A 345 6.09 1.33 14.27
C ASP A 345 7.59 1.58 14.40
N TRP A 346 8.45 0.62 14.01
CA TRP A 346 9.92 0.73 14.25
C TRP A 346 10.49 1.94 13.49
N PHE A 347 10.01 2.18 12.27
CA PHE A 347 10.57 3.25 11.42
C PHE A 347 9.89 4.58 11.73
N LYS A 348 8.66 4.56 12.23
CA LYS A 348 7.90 5.82 12.44
C LYS A 348 8.72 6.91 13.15
N PRO A 349 9.49 6.64 14.24
CA PRO A 349 10.31 7.70 14.84
C PRO A 349 11.37 8.28 13.90
N LEU A 350 11.96 7.46 13.03
CA LEU A 350 12.95 7.96 12.07
C LEU A 350 12.22 8.92 11.13
N ALA A 351 11.03 8.57 10.69
CA ALA A 351 10.28 9.38 9.70
C ALA A 351 9.92 10.72 10.34
N TYR A 352 9.41 10.68 11.58
CA TYR A 352 8.98 11.91 12.30
C TYR A 352 10.22 12.77 12.61
N ALA A 353 11.37 12.18 12.91
CA ALA A 353 12.59 12.96 13.20
C ALA A 353 12.99 13.69 11.92
N THR A 354 12.76 13.06 10.77
CA THR A 354 13.12 13.63 9.45
C THR A 354 12.30 14.90 9.24
N ILE A 355 10.98 14.82 9.41
CA ILE A 355 10.06 15.97 9.12
C ILE A 355 10.11 16.98 10.27
N LEU A 356 10.42 16.59 11.52
CA LEU A 356 10.34 17.53 12.67
C LEU A 356 11.64 18.33 12.90
N THR A 357 12.84 17.80 12.59
CA THR A 357 14.14 18.43 12.99
C THR A 357 14.88 19.05 11.79
N ARG A 358 14.37 18.86 10.57
CA ARG A 358 14.91 19.50 9.36
C ARG A 358 14.19 20.81 9.09
N GLN A 359 14.87 21.68 8.34
CA GLN A 359 14.44 23.09 8.09
C GLN A 359 13.38 23.13 6.97
N GLU A 360 13.34 22.10 6.13
N GLU A 360 13.34 22.10 6.13
CA GLU A 360 12.48 22.01 4.92
CA GLU A 360 12.48 22.01 4.92
C GLU A 360 11.08 21.54 5.32
C GLU A 360 11.08 21.54 5.32
N GLY A 361 10.04 22.20 4.79
CA GLY A 361 8.66 21.71 4.84
C GLY A 361 7.94 22.18 6.08
N TYR A 362 6.62 22.04 6.04
CA TYR A 362 5.69 22.28 7.16
C TYR A 362 5.22 20.89 7.58
N PRO A 363 5.73 20.33 8.68
CA PRO A 363 5.35 18.97 9.09
C PRO A 363 3.93 18.91 9.65
N CYS A 364 3.27 17.79 9.38
CA CYS A 364 1.90 17.45 9.86
C CYS A 364 1.95 16.15 10.68
N VAL A 365 1.63 16.29 11.95
CA VAL A 365 1.54 15.14 12.89
C VAL A 365 0.16 14.50 12.69
N PHE A 366 0.10 13.17 12.63
CA PHE A 366 -1.19 12.43 12.44
C PHE A 366 -1.83 12.10 13.80
N TYR A 367 -3.09 12.46 14.00
CA TYR A 367 -3.88 12.11 15.20
C TYR A 367 -3.75 10.60 15.47
N GLY A 368 -3.74 9.78 14.41
CA GLY A 368 -3.71 8.30 14.52
C GLY A 368 -2.39 7.83 15.12
N ASP A 369 -1.33 8.61 14.92
CA ASP A 369 0.01 8.32 15.49
C ASP A 369 0.07 8.84 16.94
N TYR A 370 -0.34 10.08 17.18
CA TYR A 370 -0.21 10.74 18.51
C TYR A 370 -1.09 10.00 19.52
N TYR A 371 -2.36 9.85 19.20
CA TYR A 371 -3.37 9.28 20.14
C TYR A 371 -3.60 7.79 19.85
N GLY A 372 -3.05 7.23 18.77
CA GLY A 372 -3.23 5.79 18.45
C GLY A 372 -4.50 5.51 17.64
N ILE A 373 -4.65 4.25 17.23
CA ILE A 373 -5.85 3.77 16.47
C ILE A 373 -6.30 2.48 17.14
N PRO A 374 -7.05 2.60 18.26
CA PRO A 374 -7.42 1.45 19.06
C PRO A 374 -8.18 0.38 18.25
N SER A 375 -9.00 0.77 17.28
CA SER A 375 -9.79 -0.18 16.45
C SER A 375 -8.85 -1.04 15.60
N GLN A 376 -7.64 -0.59 15.37
CA GLN A 376 -6.65 -1.34 14.54
C GLN A 376 -5.47 -1.78 15.41
N SER A 377 -5.59 -1.74 16.73
CA SER A 377 -4.50 -2.10 17.68
C SER A 377 -3.22 -1.31 17.37
N VAL A 378 -3.35 -0.03 17.02
CA VAL A 378 -2.18 0.85 16.83
C VAL A 378 -2.01 1.63 18.13
N SER A 379 -0.87 1.42 18.78
CA SER A 379 -0.45 2.09 20.04
C SER A 379 -0.33 3.60 19.84
N ALA A 380 -0.67 4.39 20.86
CA ALA A 380 -0.44 5.84 20.91
C ALA A 380 1.07 6.04 20.98
N LYS A 381 1.62 7.00 20.23
CA LYS A 381 3.07 7.27 20.14
C LYS A 381 3.42 8.61 20.81
N SER A 382 2.45 9.22 21.51
CA SER A 382 2.57 10.55 22.16
C SER A 382 3.78 10.61 23.09
N THR A 383 4.12 9.52 23.79
CA THR A 383 5.23 9.53 24.77
C THR A 383 6.53 9.95 24.08
N TRP A 384 6.90 9.31 22.97
CA TRP A 384 8.14 9.66 22.24
C TRP A 384 7.89 10.84 21.29
N LEU A 385 6.66 11.03 20.79
CA LEU A 385 6.41 12.16 19.86
C LEU A 385 6.62 13.49 20.62
N ASP A 386 6.19 13.56 21.88
CA ASP A 386 6.33 14.79 22.71
C ASP A 386 7.80 15.21 22.77
N LYS A 387 8.74 14.26 22.85
CA LYS A 387 10.18 14.61 22.94
C LYS A 387 10.69 15.12 21.58
N GLN A 388 10.26 14.51 20.49
CA GLN A 388 10.63 15.01 19.14
C GLN A 388 10.04 16.41 18.96
N LEU A 389 8.80 16.64 19.43
CA LEU A 389 8.09 17.93 19.25
C LEU A 389 8.78 19.00 20.11
N SER A 390 9.35 18.60 21.26
CA SER A 390 10.21 19.51 22.06
C SER A 390 11.45 19.86 21.25
N ALA A 391 12.11 18.87 20.63
CA ALA A 391 13.26 19.09 19.74
C ALA A 391 12.90 20.16 18.70
N ARG A 392 11.74 20.05 18.05
CA ARG A 392 11.34 21.01 16.99
C ARG A 392 11.06 22.39 17.62
N LYS A 393 10.24 22.43 18.66
CA LYS A 393 9.74 23.68 19.30
C LYS A 393 10.92 24.57 19.76
N SER A 394 11.92 23.96 20.38
CA SER A 394 12.95 24.63 21.21
C SER A 394 14.35 24.52 20.61
N TYR A 395 14.64 23.53 19.76
CA TYR A 395 16.05 23.25 19.36
C TYR A 395 16.32 23.29 17.85
N ALA A 396 15.33 22.99 16.99
CA ALA A 396 15.55 22.83 15.53
C ALA A 396 15.60 24.20 14.85
N TYR A 397 16.70 24.92 15.07
CA TYR A 397 16.88 26.30 14.56
C TYR A 397 18.28 26.44 13.97
N GLY A 398 18.45 27.45 13.11
CA GLY A 398 19.76 27.86 12.58
C GLY A 398 20.25 26.94 11.49
N THR A 399 21.46 27.23 11.02
CA THR A 399 22.05 26.67 9.77
C THR A 399 22.06 25.15 9.87
N GLN A 400 21.76 24.46 8.78
CA GLN A 400 21.63 22.98 8.76
C GLN A 400 22.84 22.41 8.01
N HIS A 401 23.39 21.31 8.47
CA HIS A 401 24.43 20.56 7.72
C HIS A 401 23.93 19.12 7.57
N ASP A 402 23.93 18.60 6.35
CA ASP A 402 23.35 17.28 6.01
C ASP A 402 24.48 16.28 5.90
N TYR A 403 24.27 15.06 6.40
CA TYR A 403 25.22 13.93 6.24
C TYR A 403 24.45 12.69 5.81
N LEU A 404 23.83 12.79 4.64
CA LEU A 404 23.11 11.64 4.03
C LEU A 404 24.09 10.90 3.14
N ASP A 405 25.10 10.29 3.77
CA ASP A 405 26.35 9.84 3.12
C ASP A 405 26.63 8.39 3.47
N ASN A 406 25.66 7.66 4.03
CA ASN A 406 25.80 6.21 4.32
C ASN A 406 24.47 5.48 4.04
N GLN A 407 24.54 4.26 3.52
CA GLN A 407 23.38 3.39 3.21
C GLN A 407 22.48 3.15 4.43
N ASP A 408 23.02 3.22 5.64
CA ASP A 408 22.29 2.86 6.87
C ASP A 408 22.22 4.06 7.80
N VAL A 409 23.37 4.68 8.11
CA VAL A 409 23.46 5.71 9.19
C VAL A 409 23.52 7.09 8.53
N ILE A 410 22.51 7.93 8.76
CA ILE A 410 22.41 9.29 8.15
C ILE A 410 22.13 10.23 9.29
N GLY A 411 22.45 11.51 9.10
CA GLY A 411 22.17 12.52 10.12
C GLY A 411 22.24 13.91 9.56
N TRP A 412 21.93 14.89 10.39
CA TRP A 412 22.07 16.32 10.04
C TRP A 412 22.19 17.09 11.35
N THR A 413 22.71 18.31 11.27
CA THR A 413 22.79 19.21 12.45
C THR A 413 22.02 20.46 12.17
N ARG A 414 21.57 21.09 13.25
CA ARG A 414 21.11 22.50 13.28
C ARG A 414 22.02 23.23 14.29
N GLU A 415 22.59 24.38 13.90
CA GLU A 415 23.58 25.13 14.73
C GLU A 415 22.89 25.80 15.92
N GLY A 416 21.59 26.05 15.83
CA GLY A 416 20.90 26.92 16.79
C GLY A 416 20.89 28.34 16.26
N ASP A 417 19.98 29.17 16.74
CA ASP A 417 19.90 30.62 16.40
C ASP A 417 19.80 31.39 17.71
N SER A 418 20.13 32.68 17.71
CA SER A 418 20.17 33.51 18.94
C SER A 418 18.75 33.72 19.48
N ALA A 419 17.72 33.76 18.65
CA ALA A 419 16.31 33.95 19.08
C ALA A 419 15.83 32.80 19.98
N HIS A 420 16.48 31.63 19.93
CA HIS A 420 16.03 30.41 20.65
C HIS A 420 17.18 29.90 21.52
N ALA A 421 17.21 30.33 22.79
CA ALA A 421 18.31 30.09 23.75
C ALA A 421 18.51 28.59 23.93
N GLY A 422 19.75 28.13 23.76
CA GLY A 422 20.13 26.73 23.98
C GLY A 422 19.82 25.86 22.76
N SER A 423 19.27 26.46 21.70
CA SER A 423 18.90 25.75 20.46
C SER A 423 20.14 25.15 19.78
N GLY A 424 19.91 24.26 18.82
CA GLY A 424 20.89 23.44 18.10
C GLY A 424 20.63 21.96 18.39
N LEU A 425 20.87 21.09 17.42
CA LEU A 425 20.70 19.62 17.62
C LEU A 425 21.54 18.89 16.59
N ALA A 426 21.73 17.61 16.83
CA ALA A 426 22.30 16.64 15.87
C ALA A 426 21.35 15.45 15.84
N THR A 427 20.75 15.17 14.69
CA THR A 427 19.87 13.99 14.50
C THR A 427 20.73 12.92 13.83
N VAL A 428 20.75 11.71 14.41
CA VAL A 428 21.43 10.55 13.79
C VAL A 428 20.50 9.34 13.88
N MET A 429 20.47 8.53 12.82
CA MET A 429 19.48 7.43 12.70
C MET A 429 20.07 6.36 11.79
N SER A 430 19.63 5.12 11.98
CA SER A 430 20.04 3.94 11.18
C SER A 430 18.83 3.05 10.91
N ASP A 431 18.66 2.58 9.68
CA ASP A 431 17.63 1.56 9.33
C ASP A 431 18.21 0.18 9.62
N GLY A 432 19.45 0.12 10.10
CA GLY A 432 20.18 -1.13 10.34
C GLY A 432 21.03 -1.05 11.59
N PRO A 433 22.29 -1.50 11.57
CA PRO A 433 23.10 -1.52 12.80
C PRO A 433 23.34 -0.10 13.30
N GLY A 434 23.50 0.02 14.61
CA GLY A 434 23.80 1.31 15.24
C GLY A 434 25.09 1.88 14.70
N GLY A 435 25.33 3.17 14.88
CA GLY A 435 26.58 3.78 14.38
C GLY A 435 26.77 5.15 14.96
N SER A 436 27.82 5.84 14.51
CA SER A 436 28.22 7.19 14.99
C SER A 436 28.46 8.06 13.78
N LYS A 437 28.23 9.35 13.90
CA LYS A 437 28.59 10.30 12.84
C LYS A 437 29.26 11.49 13.51
N THR A 438 30.44 11.87 13.01
CA THR A 438 31.08 13.16 13.41
C THR A 438 30.41 14.25 12.56
N MET A 439 29.76 15.19 13.23
CA MET A 439 28.97 16.25 12.56
C MET A 439 29.26 17.58 13.24
N TYR A 440 29.15 18.66 12.47
CA TYR A 440 29.44 20.07 12.87
C TYR A 440 28.16 20.71 13.41
N VAL A 441 28.08 20.96 14.72
CA VAL A 441 26.94 21.68 15.35
C VAL A 441 27.29 23.16 15.54
N GLY A 442 28.55 23.55 15.35
CA GLY A 442 28.95 24.96 15.53
C GLY A 442 30.02 25.12 16.59
N THR A 443 31.03 25.96 16.30
CA THR A 443 32.15 26.30 17.22
C THR A 443 31.56 26.93 18.49
N ALA A 444 30.42 27.61 18.44
CA ALA A 444 29.78 28.25 19.62
C ALA A 444 29.34 27.19 20.63
N HIS A 445 29.26 25.92 20.23
CA HIS A 445 28.90 24.81 21.14
C HIS A 445 30.16 24.17 21.72
N ALA A 446 31.35 24.60 21.29
CA ALA A 446 32.65 24.02 21.75
C ALA A 446 32.57 23.79 23.26
N GLY A 447 32.91 22.57 23.70
CA GLY A 447 32.96 22.20 25.14
C GLY A 447 31.61 21.93 25.75
N GLN A 448 30.51 22.11 25.04
CA GLN A 448 29.17 21.74 25.56
C GLN A 448 29.03 20.22 25.56
N VAL A 449 28.23 19.71 26.49
CA VAL A 449 27.86 18.27 26.63
C VAL A 449 26.41 18.10 26.13
N PHE A 450 26.19 17.24 25.14
CA PHE A 450 24.85 16.98 24.56
C PHE A 450 24.31 15.64 25.11
N LYS A 451 23.00 15.61 25.35
CA LYS A 451 22.19 14.43 25.74
C LYS A 451 21.18 14.11 24.62
N ASP A 452 20.69 12.88 24.62
CA ASP A 452 19.68 12.38 23.65
C ASP A 452 18.30 12.75 24.18
N ILE A 453 17.66 13.77 23.59
CA ILE A 453 16.34 14.26 24.08
C ILE A 453 15.26 13.16 23.94
N THR A 454 15.48 12.13 23.10
CA THR A 454 14.54 10.98 22.95
C THR A 454 14.70 10.01 24.11
N GLY A 455 15.86 10.01 24.77
CA GLY A 455 16.13 9.04 25.86
C GLY A 455 16.53 7.68 25.32
N ASN A 456 16.66 7.50 24.00
CA ASN A 456 16.99 6.19 23.41
C ASN A 456 18.40 5.79 23.86
N ARG A 457 19.31 6.78 23.96
CA ARG A 457 20.69 6.59 24.44
C ARG A 457 20.85 7.36 25.73
N THR A 458 21.61 6.82 26.70
CA THR A 458 21.88 7.46 28.02
C THR A 458 23.32 7.99 28.08
N ASP A 459 24.16 7.73 27.07
CA ASP A 459 25.51 8.34 26.98
C ASP A 459 25.35 9.83 26.62
N THR A 460 26.43 10.59 26.74
CA THR A 460 26.49 12.03 26.41
C THR A 460 27.56 12.21 25.34
N VAL A 461 27.57 13.37 24.71
CA VAL A 461 28.53 13.71 23.60
C VAL A 461 29.03 15.12 23.88
N THR A 462 30.35 15.28 23.91
CA THR A 462 31.03 16.57 24.18
C THR A 462 31.43 17.15 22.83
N ILE A 463 31.05 18.40 22.59
CA ILE A 463 31.47 19.15 21.37
C ILE A 463 32.95 19.56 21.55
N ASN A 464 33.80 19.24 20.58
CA ASN A 464 35.23 19.63 20.57
C ASN A 464 35.35 21.11 20.19
N SER A 465 36.55 21.65 20.27
CA SER A 465 36.83 23.10 20.04
C SER A 465 36.55 23.46 18.57
N ALA A 466 36.65 22.51 17.63
CA ALA A 466 36.35 22.71 16.19
C ALA A 466 34.82 22.69 15.91
N GLY A 467 33.98 22.63 16.96
CA GLY A 467 32.51 22.61 16.85
C GLY A 467 31.93 21.26 16.39
N ASN A 468 32.68 20.16 16.54
CA ASN A 468 32.26 18.80 16.10
C ASN A 468 31.91 17.91 17.31
N GLY A 469 30.92 17.03 17.14
CA GLY A 469 30.61 15.91 18.05
C GLY A 469 30.60 14.59 17.28
N THR A 470 30.80 13.45 17.95
CA THR A 470 30.60 12.11 17.37
C THR A 470 29.29 11.58 17.97
N PHE A 471 28.21 11.68 17.21
CA PHE A 471 26.82 11.42 17.66
C PHE A 471 26.44 10.00 17.25
N PRO A 472 26.20 9.09 18.23
CA PRO A 472 25.71 7.76 17.95
C PRO A 472 24.18 7.61 17.97
N CYS A 473 23.71 6.49 17.42
CA CYS A 473 22.32 6.01 17.53
C CYS A 473 22.36 4.50 17.74
N ASN A 474 21.30 3.93 18.28
CA ASN A 474 21.10 2.45 18.35
C ASN A 474 20.67 1.97 16.95
N GLY A 475 20.80 0.67 16.69
CA GLY A 475 20.32 0.06 15.44
C GLY A 475 18.82 0.28 15.27
N GLY A 476 18.35 0.52 14.06
CA GLY A 476 16.89 0.64 13.80
C GLY A 476 16.26 1.66 14.71
N SER A 477 16.92 2.81 14.85
CA SER A 477 16.55 3.83 15.86
C SER A 477 17.06 5.21 15.44
N VAL A 478 16.64 6.20 16.22
CA VAL A 478 17.05 7.62 16.04
C VAL A 478 17.39 8.14 17.43
N SER A 479 18.39 9.02 17.49
CA SER A 479 18.69 9.87 18.66
C SER A 479 18.76 11.31 18.17
N ILE A 480 18.27 12.23 18.98
CA ILE A 480 18.30 13.69 18.69
C ILE A 480 19.06 14.35 19.84
N TRP A 481 20.25 14.86 19.52
CA TRP A 481 21.28 15.33 20.48
C TRP A 481 21.16 16.85 20.64
N VAL A 482 20.89 17.27 21.87
CA VAL A 482 20.70 18.70 22.26
C VAL A 482 21.57 18.99 23.50
N LYS A 483 21.79 20.28 23.75
CA LYS A 483 22.57 20.79 24.89
C LYS A 483 21.87 20.32 26.15
N GLN A 484 22.57 19.52 26.95
CA GLN A 484 22.13 19.01 28.25
C GLN A 484 21.77 20.18 29.16
N GLY B 4 9.65 -27.41 -25.03
CA GLY B 4 10.16 -26.10 -24.58
C GLY B 4 9.07 -25.03 -24.61
N ASP B 5 7.80 -25.39 -24.37
CA ASP B 5 6.66 -24.43 -24.17
C ASP B 5 6.90 -23.54 -22.94
N ASN B 6 6.43 -22.30 -22.95
CA ASN B 6 6.61 -21.37 -21.80
C ASN B 6 5.88 -21.92 -20.57
N GLY B 7 6.44 -21.70 -19.37
CA GLY B 7 5.76 -21.97 -18.09
C GLY B 7 4.92 -20.79 -17.67
N THR B 8 3.68 -21.02 -17.24
CA THR B 8 2.83 -19.98 -16.62
C THR B 8 2.12 -20.53 -15.38
N MET B 9 2.27 -19.86 -14.24
CA MET B 9 1.60 -20.28 -12.99
C MET B 9 0.28 -19.52 -12.87
N MET B 10 -0.68 -20.11 -12.16
N MET B 10 -0.71 -20.10 -12.19
CA MET B 10 -1.89 -19.41 -11.68
CA MET B 10 -1.89 -19.35 -11.70
C MET B 10 -2.00 -19.58 -10.16
C MET B 10 -2.00 -19.56 -10.18
N GLN B 11 -2.12 -18.46 -9.45
CA GLN B 11 -2.54 -18.48 -8.02
C GLN B 11 -4.05 -18.72 -8.04
N TYR B 12 -4.48 -19.92 -7.67
CA TYR B 12 -5.89 -20.36 -7.81
C TYR B 12 -6.69 -20.08 -6.52
N PHE B 13 -6.66 -18.85 -6.03
CA PHE B 13 -7.56 -18.35 -4.98
C PHE B 13 -7.43 -16.84 -4.85
N GLU B 14 -8.35 -16.23 -4.11
CA GLU B 14 -8.19 -14.85 -3.61
C GLU B 14 -8.83 -14.85 -2.20
N TRP B 15 -8.57 -13.79 -1.46
CA TRP B 15 -8.93 -13.69 -0.03
C TRP B 15 -10.43 -13.89 0.19
N TYR B 16 -11.26 -13.22 -0.61
CA TYR B 16 -12.72 -13.03 -0.33
C TYR B 16 -13.59 -14.16 -0.94
N LEU B 17 -13.01 -15.27 -1.40
CA LEU B 17 -13.85 -16.41 -1.86
C LEU B 17 -14.87 -16.76 -0.78
N PRO B 18 -16.10 -17.17 -1.16
CA PRO B 18 -17.09 -17.59 -0.19
C PRO B 18 -16.61 -18.85 0.56
N ASN B 19 -17.05 -19.00 1.80
CA ASN B 19 -16.81 -20.21 2.62
C ASN B 19 -17.85 -21.28 2.24
N ASP B 20 -17.78 -21.88 1.04
CA ASP B 20 -18.85 -22.80 0.57
C ASP B 20 -18.27 -24.16 0.18
N GLY B 21 -17.01 -24.42 0.46
CA GLY B 21 -16.44 -25.77 0.21
C GLY B 21 -16.51 -26.17 -1.25
N THR B 22 -16.35 -25.23 -2.20
CA THR B 22 -16.40 -25.51 -3.67
C THR B 22 -15.08 -25.29 -4.42
N LEU B 23 -14.06 -24.67 -3.82
CA LEU B 23 -12.85 -24.31 -4.62
C LEU B 23 -12.21 -25.57 -5.23
N TRP B 24 -12.01 -26.65 -4.48
CA TRP B 24 -11.37 -27.86 -5.05
C TRP B 24 -12.18 -28.39 -6.25
N THR B 25 -13.51 -28.47 -6.12
CA THR B 25 -14.43 -28.88 -7.21
C THR B 25 -14.22 -27.97 -8.42
N LYS B 26 -14.20 -26.66 -8.19
CA LYS B 26 -14.03 -25.67 -9.30
C LYS B 26 -12.68 -25.90 -9.96
N MET B 27 -11.62 -26.08 -9.15
CA MET B 27 -10.23 -26.21 -9.67
C MET B 27 -10.13 -27.44 -10.59
N GLY B 28 -10.69 -28.56 -10.16
CA GLY B 28 -10.75 -29.81 -10.96
C GLY B 28 -11.50 -29.59 -12.26
N SER B 29 -12.67 -28.95 -12.19
CA SER B 29 -13.52 -28.68 -13.36
C SER B 29 -12.80 -27.75 -14.33
N ASP B 30 -11.90 -26.88 -13.84
CA ASP B 30 -11.29 -25.81 -14.66
C ASP B 30 -10.05 -26.36 -15.38
N ALA B 31 -9.61 -27.58 -15.09
CA ALA B 31 -8.27 -28.05 -15.49
C ALA B 31 -8.13 -27.94 -17.02
N SER B 32 -9.11 -28.38 -17.81
CA SER B 32 -8.94 -28.42 -19.29
C SER B 32 -8.94 -26.99 -19.84
N HIS B 33 -9.71 -26.07 -19.24
CA HIS B 33 -9.73 -24.63 -19.56
C HIS B 33 -8.37 -24.01 -19.25
N LEU B 34 -7.81 -24.27 -18.08
CA LEU B 34 -6.47 -23.73 -17.70
C LEU B 34 -5.42 -24.21 -18.73
N LYS B 35 -5.43 -25.48 -19.10
CA LYS B 35 -4.50 -25.98 -20.13
C LYS B 35 -4.69 -25.18 -21.43
N SER B 36 -5.93 -24.96 -21.89
CA SER B 36 -6.20 -24.26 -23.18
C SER B 36 -5.59 -22.86 -23.16
N ILE B 37 -5.58 -22.14 -22.03
CA ILE B 37 -5.03 -20.75 -22.00
C ILE B 37 -3.53 -20.75 -21.64
N GLY B 38 -2.91 -21.90 -21.41
CA GLY B 38 -1.45 -21.99 -21.26
C GLY B 38 -0.99 -22.08 -19.81
N ILE B 39 -1.89 -22.27 -18.85
CA ILE B 39 -1.46 -22.50 -17.45
C ILE B 39 -0.78 -23.86 -17.39
N THR B 40 0.43 -23.91 -16.84
CA THR B 40 1.24 -25.12 -16.68
C THR B 40 1.49 -25.44 -15.19
N GLY B 41 1.04 -24.56 -14.27
CA GLY B 41 1.28 -24.74 -12.82
C GLY B 41 0.26 -23.97 -11.99
N VAL B 42 -0.23 -24.58 -10.92
CA VAL B 42 -1.31 -24.04 -10.06
C VAL B 42 -0.81 -24.06 -8.62
N TRP B 43 -0.80 -22.88 -8.02
CA TRP B 43 -0.59 -22.68 -6.58
C TRP B 43 -1.95 -22.65 -5.92
N PHE B 44 -2.23 -23.65 -5.07
CA PHE B 44 -3.52 -23.75 -4.37
C PHE B 44 -3.30 -23.36 -2.91
N PRO B 45 -4.34 -22.79 -2.25
CA PRO B 45 -4.18 -22.27 -0.89
C PRO B 45 -3.87 -23.33 0.16
N PRO B 46 -3.54 -22.93 1.42
CA PRO B 46 -3.31 -23.90 2.50
C PRO B 46 -4.54 -24.83 2.56
N ALA B 47 -4.32 -26.12 2.41
CA ALA B 47 -5.38 -27.14 2.22
C ALA B 47 -5.74 -27.88 3.52
N TYR B 48 -5.09 -27.53 4.63
CA TYR B 48 -5.22 -28.24 5.94
C TYR B 48 -6.07 -27.36 6.86
N LYS B 49 -6.54 -27.98 7.93
CA LYS B 49 -7.54 -27.38 8.85
C LYS B 49 -6.96 -26.15 9.56
N GLY B 50 -7.63 -25.03 9.43
CA GLY B 50 -7.30 -23.77 10.13
C GLY B 50 -8.13 -23.64 11.38
N GLN B 51 -8.02 -22.51 12.08
CA GLN B 51 -8.63 -22.33 13.42
C GLN B 51 -10.15 -22.21 13.31
N SER B 52 -10.68 -22.00 12.10
CA SER B 52 -12.14 -22.13 11.82
C SER B 52 -12.34 -22.64 10.39
N GLN B 53 -13.54 -23.11 10.07
CA GLN B 53 -13.92 -23.55 8.71
C GLN B 53 -13.64 -22.45 7.68
N SER B 54 -13.92 -21.20 8.01
CA SER B 54 -13.88 -20.06 7.03
C SER B 54 -12.45 -19.49 6.88
N ASP B 55 -11.49 -19.98 7.65
CA ASP B 55 -10.08 -19.56 7.58
C ASP B 55 -9.57 -19.71 6.14
N VAL B 56 -8.90 -18.68 5.63
CA VAL B 56 -8.30 -18.72 4.25
C VAL B 56 -7.20 -19.78 4.25
N GLY B 57 -6.62 -20.08 5.42
CA GLY B 57 -5.71 -21.22 5.60
C GLY B 57 -4.44 -20.91 6.36
N TYR B 58 -4.12 -19.63 6.52
CA TYR B 58 -2.88 -19.16 7.17
C TYR B 58 -3.01 -19.23 8.69
N GLY B 59 -4.23 -19.27 9.24
CA GLY B 59 -4.40 -19.51 10.68
C GLY B 59 -4.34 -21.01 10.97
N VAL B 60 -3.19 -21.63 10.70
CA VAL B 60 -3.02 -23.12 10.62
C VAL B 60 -3.23 -23.76 12.01
N TYR B 61 -4.15 -24.73 12.08
CA TYR B 61 -4.35 -25.59 13.27
C TYR B 61 -3.67 -26.95 13.10
N ASP B 62 -4.15 -27.77 12.16
CA ASP B 62 -3.69 -29.18 12.05
C ASP B 62 -3.29 -29.47 10.60
N MET B 63 -1.99 -29.62 10.35
CA MET B 63 -1.47 -29.78 8.95
C MET B 63 -1.70 -31.20 8.46
N TYR B 64 -2.16 -32.13 9.31
CA TYR B 64 -2.50 -33.52 8.91
C TYR B 64 -4.00 -33.70 8.70
N ASP B 65 -4.80 -32.62 8.79
CA ASP B 65 -6.26 -32.63 8.53
C ASP B 65 -6.53 -31.86 7.23
N LEU B 66 -6.65 -32.56 6.09
CA LEU B 66 -6.81 -31.94 4.77
C LEU B 66 -8.31 -31.83 4.45
N GLY B 67 -9.13 -31.50 5.43
CA GLY B 67 -10.59 -31.53 5.25
C GLY B 67 -11.11 -32.95 5.33
N GLU B 68 -10.59 -33.71 6.30
CA GLU B 68 -10.84 -35.16 6.50
C GLU B 68 -11.44 -35.45 7.90
N PHE B 69 -11.12 -34.68 8.94
CA PHE B 69 -11.52 -35.00 10.33
C PHE B 69 -12.43 -33.92 10.84
N ASN B 70 -13.27 -34.27 11.82
CA ASN B 70 -14.24 -33.35 12.46
C ASN B 70 -13.46 -32.59 13.54
N GLN B 71 -13.02 -31.39 13.17
CA GLN B 71 -12.21 -30.48 14.03
C GLN B 71 -12.60 -29.05 13.66
N LYS B 72 -12.81 -28.19 14.67
CA LYS B 72 -13.20 -26.78 14.48
C LYS B 72 -14.63 -26.72 13.92
N GLY B 73 -15.45 -27.74 14.24
CA GLY B 73 -16.89 -27.83 13.97
C GLY B 73 -17.16 -28.07 12.50
N THR B 74 -16.22 -28.68 11.78
CA THR B 74 -16.37 -28.90 10.32
C THR B 74 -15.50 -30.08 9.99
N VAL B 75 -15.87 -30.82 8.95
CA VAL B 75 -14.95 -31.81 8.36
C VAL B 75 -14.16 -31.08 7.28
N ARG B 76 -14.86 -30.54 6.28
CA ARG B 76 -14.20 -29.83 5.15
C ARG B 76 -13.45 -28.60 5.71
N THR B 77 -12.45 -28.15 4.97
CA THR B 77 -11.81 -26.82 5.12
C THR B 77 -12.69 -25.83 4.40
N LYS B 78 -12.29 -24.57 4.29
CA LYS B 78 -13.04 -23.57 3.50
C LYS B 78 -13.24 -24.05 2.06
N TYR B 79 -12.29 -24.84 1.55
CA TYR B 79 -12.13 -25.14 0.10
C TYR B 79 -12.79 -26.47 -0.28
N GLY B 80 -13.00 -27.36 0.68
CA GLY B 80 -13.59 -28.70 0.44
C GLY B 80 -12.94 -29.79 1.26
N THR B 81 -13.16 -31.04 0.83
CA THR B 81 -12.68 -32.26 1.50
C THR B 81 -11.38 -32.71 0.86
N LYS B 82 -10.66 -33.59 1.57
CA LYS B 82 -9.41 -34.18 1.06
C LYS B 82 -9.68 -34.90 -0.27
N ALA B 83 -10.80 -35.60 -0.36
CA ALA B 83 -11.12 -36.40 -1.57
C ALA B 83 -11.34 -35.42 -2.75
N GLN B 84 -12.03 -34.31 -2.50
CA GLN B 84 -12.25 -33.26 -3.54
C GLN B 84 -10.89 -32.69 -4.00
N LEU B 85 -9.95 -32.47 -3.08
CA LEU B 85 -8.62 -31.89 -3.43
C LEU B 85 -7.85 -32.92 -4.28
N GLN B 86 -7.87 -34.19 -3.88
CA GLN B 86 -7.11 -35.26 -4.59
C GLN B 86 -7.67 -35.42 -6.01
N SER B 87 -8.99 -35.41 -6.15
N SER B 87 -9.00 -35.43 -6.14
CA SER B 87 -9.69 -35.45 -7.46
CA SER B 87 -9.69 -35.44 -7.46
C SER B 87 -9.26 -34.24 -8.31
C SER B 87 -9.22 -34.25 -8.31
N ALA B 88 -9.19 -33.05 -7.72
CA ALA B 88 -8.77 -31.81 -8.44
C ALA B 88 -7.32 -31.97 -8.94
N ILE B 89 -6.42 -32.49 -8.11
CA ILE B 89 -5.00 -32.67 -8.49
C ILE B 89 -4.91 -33.72 -9.61
N THR B 90 -5.66 -34.82 -9.51
CA THR B 90 -5.74 -35.81 -10.62
C THR B 90 -6.14 -35.09 -11.92
N SER B 91 -7.16 -34.26 -11.88
CA SER B 91 -7.67 -33.55 -13.07
C SER B 91 -6.60 -32.57 -13.59
N LEU B 92 -5.92 -31.81 -12.71
CA LEU B 92 -4.80 -30.94 -13.15
C LEU B 92 -3.75 -31.83 -13.84
N HIS B 93 -3.36 -32.92 -13.20
CA HIS B 93 -2.31 -33.83 -13.74
C HIS B 93 -2.75 -34.39 -15.11
N ASN B 94 -4.02 -34.80 -15.25
CA ASN B 94 -4.57 -35.38 -16.51
C ASN B 94 -4.45 -34.35 -17.64
N ASN B 95 -4.30 -33.07 -17.31
CA ASN B 95 -4.24 -31.93 -18.26
C ASN B 95 -2.82 -31.36 -18.33
N GLY B 96 -1.82 -32.07 -17.80
CA GLY B 96 -0.41 -31.66 -17.88
C GLY B 96 -0.10 -30.42 -17.06
N ILE B 97 -0.86 -30.15 -15.99
CA ILE B 97 -0.62 -28.98 -15.09
C ILE B 97 0.02 -29.46 -13.77
N GLN B 98 1.03 -28.76 -13.29
CA GLN B 98 1.67 -29.06 -11.98
C GLN B 98 0.82 -28.47 -10.85
N ALA B 99 0.86 -29.11 -9.67
CA ALA B 99 0.14 -28.69 -8.45
C ALA B 99 1.16 -28.31 -7.38
N TYR B 100 1.11 -27.06 -6.91
CA TYR B 100 2.00 -26.47 -5.88
C TYR B 100 1.14 -26.16 -4.64
N GLY B 101 1.41 -26.84 -3.53
CA GLY B 101 0.64 -26.67 -2.27
C GLY B 101 1.24 -25.56 -1.44
N ASP B 102 0.40 -24.63 -0.96
CA ASP B 102 0.81 -23.63 0.05
C ASP B 102 1.22 -24.36 1.34
N VAL B 103 2.36 -23.99 1.90
CA VAL B 103 3.02 -24.62 3.07
C VAL B 103 3.30 -23.56 4.11
N VAL B 104 2.54 -23.60 5.22
CA VAL B 104 2.57 -22.58 6.29
C VAL B 104 3.24 -23.18 7.53
N LEU B 105 4.51 -22.89 7.74
CA LEU B 105 5.33 -23.51 8.81
C LEU B 105 5.71 -22.53 9.92
N ASN B 106 5.38 -21.24 9.82
CA ASN B 106 5.96 -20.22 10.75
C ASN B 106 5.33 -20.40 12.14
N HIS B 107 4.03 -20.73 12.19
CA HIS B 107 3.22 -20.66 13.44
C HIS B 107 2.10 -21.70 13.49
N ARG B 108 1.41 -21.77 14.62
CA ARG B 108 0.09 -22.43 14.77
C ARG B 108 -0.86 -21.50 15.52
N MET B 109 -2.14 -21.67 15.23
CA MET B 109 -3.24 -20.91 15.84
C MET B 109 -4.36 -21.90 16.15
N GLY B 110 -5.22 -21.57 17.11
CA GLY B 110 -6.38 -22.37 17.50
C GLY B 110 -5.99 -23.56 18.36
N ALA B 111 -5.10 -23.35 19.31
CA ALA B 111 -4.73 -24.37 20.30
C ALA B 111 -5.98 -24.98 20.95
N ASP B 112 -5.93 -26.28 21.25
CA ASP B 112 -7.06 -26.99 21.88
C ASP B 112 -7.21 -26.54 23.34
N ALA B 113 -6.12 -26.11 23.98
CA ALA B 113 -6.06 -25.74 25.40
C ALA B 113 -4.99 -24.68 25.61
N THR B 114 -5.14 -23.88 26.64
CA THR B 114 -4.06 -22.97 27.12
C THR B 114 -3.09 -23.77 28.01
N GLU B 115 -1.92 -23.19 28.19
CA GLU B 115 -0.89 -23.65 29.13
C GLU B 115 -0.39 -22.41 29.87
N THR B 116 -0.18 -22.56 31.18
CA THR B 116 0.34 -21.50 32.07
C THR B 116 1.86 -21.62 32.03
N ILE B 117 2.56 -20.63 31.47
CA ILE B 117 4.02 -20.74 31.19
C ILE B 117 4.71 -19.44 31.57
N SER B 118 5.96 -19.54 31.97
CA SER B 118 6.82 -18.38 32.28
C SER B 118 7.22 -17.72 30.99
N ALA B 119 7.06 -16.41 30.91
CA ALA B 119 7.45 -15.60 29.74
C ALA B 119 7.98 -14.23 30.19
N VAL B 120 8.68 -13.60 29.29
CA VAL B 120 9.08 -12.16 29.41
C VAL B 120 8.50 -11.43 28.20
N GLU B 121 8.20 -10.15 28.39
CA GLU B 121 7.85 -9.23 27.30
C GLU B 121 9.12 -8.83 26.57
N VAL B 122 9.03 -8.67 25.25
CA VAL B 122 10.13 -8.06 24.46
C VAL B 122 9.58 -6.83 23.74
N ASN B 123 10.50 -5.94 23.35
CA ASN B 123 10.16 -4.72 22.58
C ASN B 123 9.68 -5.11 21.19
N PRO B 124 8.44 -4.77 20.78
CA PRO B 124 7.96 -5.12 19.43
C PRO B 124 8.82 -4.56 18.29
N SER B 125 9.58 -3.48 18.53
CA SER B 125 10.53 -2.88 17.54
C SER B 125 11.95 -3.41 17.68
N ASN B 126 12.24 -4.19 18.71
CA ASN B 126 13.59 -4.79 18.90
C ASN B 126 13.42 -6.05 19.76
N ARG B 127 13.01 -7.15 19.13
CA ARG B 127 12.56 -8.35 19.87
C ARG B 127 13.72 -8.97 20.64
N ASN B 128 14.98 -8.53 20.41
CA ASN B 128 16.17 -8.98 21.17
C ASN B 128 16.24 -8.28 22.53
N GLN B 129 15.45 -7.23 22.73
CA GLN B 129 15.42 -6.46 23.99
C GLN B 129 14.29 -6.96 24.89
N VAL B 130 14.65 -7.51 26.05
CA VAL B 130 13.64 -7.99 27.04
C VAL B 130 13.14 -6.75 27.78
N THR B 131 11.85 -6.60 28.00
CA THR B 131 11.28 -5.35 28.59
C THR B 131 10.46 -5.66 29.84
N SER B 132 10.47 -6.87 30.36
CA SER B 132 9.78 -7.19 31.63
C SER B 132 10.57 -8.28 32.36
N GLY B 133 10.30 -8.44 33.66
CA GLY B 133 10.70 -9.64 34.41
C GLY B 133 9.82 -10.79 33.96
N ALA B 134 10.21 -11.99 34.30
CA ALA B 134 9.50 -13.23 33.91
C ALA B 134 8.22 -13.32 34.73
N TYR B 135 7.13 -13.78 34.14
CA TYR B 135 5.89 -14.01 34.90
C TYR B 135 5.09 -15.02 34.12
N ASN B 136 4.07 -15.58 34.72
CA ASN B 136 3.23 -16.64 34.12
C ASN B 136 2.12 -15.98 33.30
N ILE B 137 2.02 -16.41 32.04
CA ILE B 137 0.91 -16.05 31.09
C ILE B 137 0.10 -17.31 30.79
N SER B 138 -1.11 -17.13 30.30
CA SER B 138 -1.98 -18.18 29.76
C SER B 138 -1.84 -18.18 28.23
N ALA B 139 -1.11 -19.14 27.67
CA ALA B 139 -0.67 -19.16 26.25
C ALA B 139 -1.43 -20.23 25.45
N TRP B 140 -1.77 -19.93 24.19
CA TRP B 140 -2.45 -20.90 23.30
C TRP B 140 -1.41 -21.82 22.65
N THR B 141 -0.89 -22.80 23.39
CA THR B 141 0.27 -23.63 22.96
C THR B 141 0.03 -25.15 23.03
N ASP B 142 -1.16 -25.62 23.43
CA ASP B 142 -1.44 -27.07 23.58
C ASP B 142 -2.26 -27.52 22.38
N PHE B 143 -1.62 -28.26 21.46
CA PHE B 143 -2.28 -28.86 20.28
C PHE B 143 -2.27 -30.40 20.45
N GLU B 144 -3.45 -30.99 20.58
CA GLU B 144 -3.63 -32.46 20.73
C GLU B 144 -4.36 -33.09 19.56
N PHE B 145 -5.17 -32.34 18.81
CA PHE B 145 -5.93 -32.82 17.63
C PHE B 145 -6.80 -34.03 17.97
N PRO B 146 -7.63 -34.01 19.04
CA PRO B 146 -8.42 -35.17 19.39
C PRO B 146 -9.39 -35.65 18.29
N GLY B 147 -9.84 -34.75 17.43
CA GLY B 147 -10.75 -35.12 16.35
C GLY B 147 -10.06 -36.00 15.32
N ARG B 148 -8.74 -35.89 15.21
CA ARG B 148 -8.00 -36.74 14.23
C ARG B 148 -7.58 -38.07 14.89
N GLY B 149 -7.47 -38.09 16.21
CA GLY B 149 -7.25 -39.34 16.96
C GLY B 149 -6.00 -40.07 16.53
N ASN B 150 -4.89 -39.36 16.37
CA ASN B 150 -3.56 -39.90 16.04
C ASN B 150 -3.49 -40.48 14.62
N THR B 151 -4.53 -40.37 13.76
CA THR B 151 -4.40 -40.85 12.37
C THR B 151 -3.25 -40.07 11.68
N TYR B 152 -2.34 -40.80 11.03
CA TYR B 152 -1.16 -40.31 10.28
C TYR B 152 -0.05 -39.82 11.22
N SER B 153 -0.33 -39.37 12.45
CA SER B 153 0.71 -38.73 13.29
C SER B 153 0.24 -38.63 14.73
N SER B 154 1.07 -39.10 15.67
N SER B 154 1.04 -39.10 15.68
CA SER B 154 0.81 -39.01 17.14
CA SER B 154 0.77 -38.98 17.14
C SER B 154 1.47 -37.74 17.70
C SER B 154 1.38 -37.69 17.69
N PHE B 155 2.09 -36.92 16.85
CA PHE B 155 2.84 -35.72 17.35
C PHE B 155 1.86 -34.69 17.94
N LYS B 156 2.12 -34.28 19.19
CA LYS B 156 1.37 -33.23 19.93
C LYS B 156 2.27 -32.01 20.11
N TRP B 157 1.72 -30.79 20.05
CA TRP B 157 2.47 -29.54 20.33
C TRP B 157 2.21 -29.08 21.77
N HIS B 158 3.25 -28.59 22.44
CA HIS B 158 3.21 -27.92 23.77
C HIS B 158 4.11 -26.69 23.69
N SER B 159 4.02 -25.85 24.71
CA SER B 159 4.80 -24.60 24.88
C SER B 159 6.28 -24.80 24.53
N TYR B 160 6.90 -25.92 24.93
CA TYR B 160 8.36 -26.14 24.72
C TYR B 160 8.70 -26.29 23.24
N TYR B 161 7.72 -26.28 22.31
CA TYR B 161 8.01 -26.35 20.84
C TYR B 161 7.79 -24.97 20.21
N PHE B 162 7.49 -23.95 21.04
CA PHE B 162 7.21 -22.57 20.60
C PHE B 162 8.25 -21.63 21.21
N ASP B 163 8.54 -20.53 20.53
CA ASP B 163 9.50 -19.48 20.97
C ASP B 163 8.72 -18.37 21.66
N GLY B 164 7.45 -18.21 21.33
CA GLY B 164 6.71 -17.01 21.78
C GLY B 164 5.29 -16.94 21.29
N VAL B 165 4.54 -16.02 21.89
CA VAL B 165 3.11 -15.70 21.57
C VAL B 165 2.93 -14.19 21.68
N ASP B 166 1.79 -13.68 21.22
CA ASP B 166 1.50 -12.24 21.33
C ASP B 166 0.27 -12.02 22.19
N TRP B 167 -0.20 -13.03 22.92
CA TRP B 167 -1.47 -12.90 23.69
C TRP B 167 -1.38 -13.71 24.98
N ASP B 168 -1.72 -13.06 26.08
CA ASP B 168 -1.91 -13.71 27.40
C ASP B 168 -3.42 -13.76 27.65
N GLN B 169 -4.03 -14.94 27.58
CA GLN B 169 -5.51 -15.07 27.70
C GLN B 169 -5.97 -14.51 29.07
N SER B 170 -5.07 -14.53 30.07
CA SER B 170 -5.35 -14.17 31.49
C SER B 170 -5.28 -12.65 31.71
N ARG B 171 -4.67 -11.89 30.79
CA ARG B 171 -4.48 -10.41 30.96
C ARG B 171 -4.97 -9.59 29.77
N GLN B 172 -4.94 -10.13 28.55
CA GLN B 172 -5.58 -9.54 27.34
C GLN B 172 -5.02 -8.13 27.11
N LEU B 173 -3.70 -8.00 27.19
CA LEU B 173 -2.97 -6.75 26.90
C LEU B 173 -2.58 -6.74 25.43
N SER B 174 -2.81 -5.61 24.75
CA SER B 174 -2.48 -5.41 23.32
C SER B 174 -1.08 -4.83 23.19
N GLY B 175 -0.47 -5.03 22.02
CA GLY B 175 0.83 -4.48 21.62
C GLY B 175 1.96 -5.21 22.29
N LYS B 176 1.75 -6.45 22.74
CA LYS B 176 2.83 -7.20 23.42
C LYS B 176 3.34 -8.32 22.52
N ILE B 177 4.59 -8.68 22.74
CA ILE B 177 5.19 -9.94 22.26
C ILE B 177 5.85 -10.62 23.47
N TYR B 178 5.51 -11.88 23.67
CA TYR B 178 6.02 -12.69 24.81
C TYR B 178 7.00 -13.74 24.27
N GLN B 179 8.20 -13.75 24.82
CA GLN B 179 9.21 -14.80 24.59
C GLN B 179 9.08 -15.80 25.74
N ILE B 180 8.86 -17.08 25.43
N ILE B 180 8.87 -17.08 25.44
CA ILE B 180 8.84 -18.18 26.43
CA ILE B 180 8.78 -18.14 26.47
C ILE B 180 10.18 -18.14 27.17
C ILE B 180 10.15 -18.19 27.17
N GLN B 181 10.16 -18.03 28.51
CA GLN B 181 11.42 -17.83 29.27
C GLN B 181 12.38 -18.98 28.97
N GLY B 182 13.63 -18.67 28.71
CA GLY B 182 14.70 -19.64 28.41
C GLY B 182 14.81 -19.95 26.93
N LYS B 183 13.83 -19.56 26.10
CA LYS B 183 13.95 -19.72 24.63
C LYS B 183 14.74 -18.57 24.02
N ALA B 184 15.15 -18.74 22.78
CA ALA B 184 15.85 -17.72 21.98
C ALA B 184 15.16 -17.65 20.62
N TRP B 185 14.94 -16.43 20.11
CA TRP B 185 14.45 -16.24 18.74
C TRP B 185 15.43 -16.96 17.80
N ASP B 186 14.87 -17.64 16.82
CA ASP B 186 15.62 -18.37 15.77
C ASP B 186 16.51 -17.41 14.99
N TRP B 187 17.56 -17.94 14.36
CA TRP B 187 18.55 -17.20 13.56
C TRP B 187 19.14 -18.16 12.53
N GLU B 188 19.30 -17.75 11.26
CA GLU B 188 19.08 -16.39 10.78
C GLU B 188 17.60 -16.20 10.41
N VAL B 189 17.08 -15.01 10.65
CA VAL B 189 15.76 -14.58 10.14
C VAL B 189 15.97 -13.14 9.69
N ASP B 190 14.93 -12.52 9.13
CA ASP B 190 14.94 -11.10 8.79
C ASP B 190 15.22 -10.29 10.06
N SER B 191 15.90 -9.15 9.93
CA SER B 191 16.38 -8.35 11.08
C SER B 191 15.54 -7.07 11.25
N GLU B 192 14.48 -6.88 10.46
CA GLU B 192 13.50 -5.81 10.74
C GLU B 192 12.94 -6.09 12.14
N ASN B 193 12.79 -5.06 12.98
CA ASN B 193 12.40 -5.16 14.41
C ASN B 193 13.49 -5.92 15.20
N GLY B 194 14.75 -5.89 14.72
CA GLY B 194 15.90 -6.52 15.40
C GLY B 194 15.96 -8.01 15.13
N ASN B 195 14.88 -8.72 15.39
CA ASN B 195 14.76 -10.14 14.99
C ASN B 195 13.30 -10.36 14.62
N TYR B 196 13.04 -10.82 13.40
CA TYR B 196 11.66 -10.93 12.87
C TYR B 196 11.18 -12.38 12.89
N ASP B 197 11.71 -13.21 13.77
CA ASP B 197 11.25 -14.61 13.91
C ASP B 197 9.74 -14.54 14.20
N TYR B 198 9.32 -13.70 15.17
CA TYR B 198 7.93 -13.57 15.63
C TYR B 198 7.13 -12.71 14.63
N LEU B 199 6.04 -13.28 14.11
CA LEU B 199 5.07 -12.57 13.23
C LEU B 199 3.69 -12.60 13.89
N MET B 200 3.14 -13.79 14.12
CA MET B 200 1.81 -13.96 14.73
C MET B 200 1.65 -15.39 15.27
N GLY B 201 0.59 -15.62 16.05
CA GLY B 201 0.17 -16.94 16.53
C GLY B 201 1.17 -17.50 17.52
N ALA B 202 1.26 -18.82 17.65
CA ALA B 202 2.28 -19.49 18.45
C ALA B 202 3.49 -19.76 17.54
N ASP B 203 4.58 -19.02 17.76
CA ASP B 203 5.78 -19.03 16.88
C ASP B 203 6.56 -20.33 17.09
N ILE B 204 6.74 -21.14 16.05
CA ILE B 204 7.43 -22.44 16.15
C ILE B 204 8.93 -22.21 16.39
N ASP B 205 9.46 -23.00 17.32
CA ASP B 205 10.89 -22.98 17.77
C ASP B 205 11.68 -23.94 16.88
N TYR B 206 12.32 -23.43 15.82
CA TYR B 206 13.07 -24.29 14.87
C TYR B 206 14.49 -24.58 15.40
N ASP B 207 14.77 -24.21 16.64
CA ASP B 207 15.95 -24.73 17.39
C ASP B 207 15.67 -26.12 17.97
N HIS B 208 14.41 -26.48 18.12
CA HIS B 208 14.06 -27.73 18.83
C HIS B 208 14.19 -28.92 17.88
N PRO B 209 15.09 -29.88 18.19
CA PRO B 209 15.32 -31.02 17.30
C PRO B 209 14.07 -31.87 17.10
N ASP B 210 13.15 -31.93 18.08
CA ASP B 210 11.88 -32.69 17.90
C ASP B 210 11.07 -32.02 16.77
N VAL B 211 11.06 -30.69 16.75
CA VAL B 211 10.29 -29.87 15.76
C VAL B 211 10.96 -30.01 14.40
N GLN B 212 12.30 -29.88 14.36
CA GLN B 212 13.08 -30.05 13.10
C GLN B 212 12.68 -31.36 12.39
N THR B 213 12.72 -32.48 13.09
CA THR B 213 12.42 -33.84 12.59
C THR B 213 10.96 -33.89 12.16
N GLU B 214 10.04 -33.49 13.07
CA GLU B 214 8.59 -33.62 12.83
C GLU B 214 8.20 -32.84 11.56
N VAL B 215 8.68 -31.60 11.40
CA VAL B 215 8.20 -30.72 10.29
C VAL B 215 8.77 -31.24 8.96
N LYS B 216 9.95 -31.86 8.96
CA LYS B 216 10.47 -32.61 7.78
C LYS B 216 9.58 -33.83 7.48
N ASN B 217 9.09 -34.51 8.52
CA ASN B 217 8.27 -35.74 8.38
C ASN B 217 6.92 -35.34 7.80
N TRP B 218 6.37 -34.23 8.28
CA TRP B 218 5.08 -33.70 7.77
C TRP B 218 5.24 -33.33 6.29
N GLY B 219 6.30 -32.64 5.91
CA GLY B 219 6.64 -32.25 4.53
C GLY B 219 6.58 -33.46 3.61
N LYS B 220 7.25 -34.54 4.02
CA LYS B 220 7.24 -35.78 3.23
C LYS B 220 5.80 -36.30 3.08
N TRP B 221 5.06 -36.40 4.19
CA TRP B 221 3.67 -36.90 4.23
C TRP B 221 2.79 -36.07 3.28
N PHE B 222 2.91 -34.74 3.32
CA PHE B 222 2.02 -33.81 2.58
C PHE B 222 2.27 -33.98 1.07
N VAL B 223 3.53 -33.92 0.66
CA VAL B 223 3.91 -34.10 -0.78
C VAL B 223 3.45 -35.47 -1.30
N ASN B 224 3.72 -36.55 -0.56
CA ASN B 224 3.37 -37.93 -0.98
C ASN B 224 1.85 -38.08 -1.01
N THR B 225 1.15 -37.59 0.03
CA THR B 225 -0.31 -37.77 0.18
C THR B 225 -1.03 -37.10 -0.99
N LEU B 226 -0.62 -35.91 -1.41
CA LEU B 226 -1.35 -35.16 -2.48
C LEU B 226 -0.62 -35.34 -3.82
N ASN B 227 0.50 -36.06 -3.86
CA ASN B 227 1.31 -36.25 -5.10
C ASN B 227 1.71 -34.88 -5.68
N LEU B 228 2.31 -34.03 -4.86
CA LEU B 228 2.59 -32.63 -5.28
C LEU B 228 3.83 -32.53 -6.19
N ASP B 229 3.85 -31.48 -7.02
CA ASP B 229 4.95 -31.16 -7.97
C ASP B 229 5.80 -30.04 -7.37
N GLY B 230 5.27 -29.34 -6.38
CA GLY B 230 6.02 -28.27 -5.71
C GLY B 230 5.27 -27.71 -4.52
N VAL B 231 5.82 -26.65 -3.93
CA VAL B 231 5.29 -26.01 -2.70
C VAL B 231 5.49 -24.52 -2.87
N ARG B 232 4.56 -23.74 -2.34
CA ARG B 232 4.73 -22.30 -2.10
C ARG B 232 4.94 -22.17 -0.60
N LEU B 233 6.07 -21.57 -0.19
CA LEU B 233 6.54 -21.48 1.21
C LEU B 233 6.21 -20.11 1.79
N ASP B 234 5.28 -20.12 2.72
CA ASP B 234 4.74 -18.93 3.40
C ASP B 234 5.79 -18.33 4.34
N ALA B 235 5.90 -17.00 4.31
CA ALA B 235 6.48 -16.18 5.38
C ALA B 235 7.90 -16.67 5.66
N VAL B 236 8.69 -16.92 4.61
CA VAL B 236 10.03 -17.56 4.77
C VAL B 236 10.99 -16.61 5.51
N LYS B 237 10.74 -15.29 5.47
CA LYS B 237 11.61 -14.32 6.18
C LYS B 237 11.52 -14.50 7.70
N HIS B 238 10.52 -15.25 8.19
CA HIS B 238 10.23 -15.42 9.64
C HIS B 238 10.63 -16.82 10.09
N ILE B 239 11.33 -17.57 9.26
CA ILE B 239 11.59 -19.01 9.52
C ILE B 239 13.09 -19.26 9.32
N LYS B 240 13.77 -19.70 10.40
CA LYS B 240 15.23 -20.03 10.44
C LYS B 240 15.72 -20.45 9.05
N PHE B 241 16.61 -19.65 8.45
CA PHE B 241 16.98 -19.77 7.01
C PHE B 241 17.60 -21.17 6.78
N ASP B 242 18.57 -21.56 7.60
CA ASP B 242 19.30 -22.84 7.42
C ASP B 242 18.32 -24.01 7.62
N TYR B 243 17.29 -23.86 8.45
CA TYR B 243 16.30 -24.95 8.65
C TYR B 243 15.46 -25.12 7.37
N MET B 244 14.96 -24.02 6.79
CA MET B 244 14.07 -24.07 5.60
C MET B 244 14.83 -24.73 4.45
N SER B 245 16.08 -24.36 4.26
CA SER B 245 17.00 -24.95 3.25
C SER B 245 17.08 -26.46 3.47
N SER B 246 17.31 -26.91 4.71
N SER B 246 17.30 -26.89 4.73
CA SER B 246 17.48 -28.34 5.04
CA SER B 246 17.45 -28.32 5.12
C SER B 246 16.12 -29.05 4.95
C SER B 246 16.12 -29.04 4.93
N TRP B 247 15.02 -28.38 5.28
CA TRP B 247 13.64 -28.90 5.09
C TRP B 247 13.43 -29.24 3.61
N LEU B 248 13.72 -28.31 2.71
CA LEU B 248 13.44 -28.54 1.26
C LEU B 248 14.32 -29.70 0.74
N SER B 249 15.61 -29.76 1.08
CA SER B 249 16.51 -30.89 0.67
C SER B 249 15.95 -32.21 1.21
N SER B 250 15.50 -32.19 2.48
CA SER B 250 14.99 -33.42 3.14
C SER B 250 13.75 -33.93 2.40
N VAL B 251 12.81 -33.04 2.06
CA VAL B 251 11.54 -33.44 1.40
C VAL B 251 11.89 -33.99 0.01
N LYS B 252 12.76 -33.31 -0.71
CA LYS B 252 13.20 -33.79 -2.06
C LYS B 252 13.73 -35.23 -1.91
N SER B 253 14.61 -35.46 -0.94
N SER B 253 14.66 -35.47 -0.98
CA SER B 253 15.30 -36.76 -0.77
CA SER B 253 15.28 -36.81 -0.78
C SER B 253 14.32 -37.87 -0.33
C SER B 253 14.20 -37.83 -0.44
N THR B 254 13.43 -37.58 0.62
CA THR B 254 12.57 -38.62 1.22
C THR B 254 11.40 -38.90 0.30
N THR B 255 10.95 -37.93 -0.51
CA THR B 255 9.80 -38.19 -1.42
C THR B 255 10.32 -38.78 -2.74
N GLY B 256 11.60 -38.63 -3.03
CA GLY B 256 12.15 -38.97 -4.36
C GLY B 256 11.84 -37.91 -5.39
N LYS B 257 11.12 -36.84 -5.01
N LYS B 257 11.10 -36.85 -5.03
CA LYS B 257 10.78 -35.70 -5.91
CA LYS B 257 10.79 -35.74 -5.99
C LYS B 257 12.02 -34.80 -5.99
C LYS B 257 12.00 -34.81 -6.00
N SER B 258 13.04 -35.24 -6.72
CA SER B 258 14.34 -34.55 -6.90
C SER B 258 14.18 -33.13 -7.43
N ASN B 259 13.20 -32.90 -8.29
CA ASN B 259 12.98 -31.60 -8.97
C ASN B 259 11.73 -30.93 -8.43
N LEU B 260 11.37 -31.18 -7.17
CA LEU B 260 10.25 -30.44 -6.52
C LEU B 260 10.45 -28.95 -6.74
N PHE B 261 9.47 -28.26 -7.32
CA PHE B 261 9.49 -26.79 -7.47
C PHE B 261 9.19 -26.14 -6.12
N ALA B 262 9.92 -25.08 -5.77
CA ALA B 262 9.71 -24.33 -4.54
C ALA B 262 9.84 -22.84 -4.87
N VAL B 263 8.79 -22.10 -4.52
CA VAL B 263 8.80 -20.62 -4.47
C VAL B 263 8.51 -20.20 -3.02
N GLY B 264 9.37 -19.36 -2.42
CA GLY B 264 9.15 -18.73 -1.12
C GLY B 264 8.56 -17.35 -1.25
N GLU B 265 7.73 -16.99 -0.29
CA GLU B 265 7.30 -15.59 -0.08
C GLU B 265 8.24 -14.91 0.93
N TYR B 266 9.18 -14.10 0.44
CA TYR B 266 10.03 -13.21 1.28
C TYR B 266 9.52 -11.81 1.05
N TRP B 267 8.67 -11.31 1.93
CA TRP B 267 8.02 -10.01 1.67
C TRP B 267 8.98 -8.91 2.13
N ASN B 268 9.69 -8.32 1.20
CA ASN B 268 10.62 -7.20 1.46
C ASN B 268 10.74 -6.48 0.13
N THR B 269 10.77 -5.16 0.17
CA THR B 269 10.72 -4.30 -1.03
C THR B 269 12.13 -4.02 -1.53
N SER B 270 13.19 -4.46 -0.83
CA SER B 270 14.62 -4.25 -1.22
C SER B 270 15.24 -5.54 -1.77
N LEU B 271 15.78 -5.49 -2.97
CA LEU B 271 16.31 -6.70 -3.63
C LEU B 271 17.35 -7.38 -2.72
N GLY B 272 18.20 -6.61 -2.05
CA GLY B 272 19.26 -7.13 -1.17
C GLY B 272 18.78 -8.16 -0.15
N ALA B 273 17.59 -7.95 0.43
CA ALA B 273 16.98 -8.87 1.42
C ALA B 273 16.78 -10.24 0.77
N LEU B 274 16.22 -10.25 -0.44
CA LEU B 274 15.90 -11.48 -1.20
C LEU B 274 17.22 -12.17 -1.56
N GLU B 275 18.20 -11.41 -2.04
CA GLU B 275 19.54 -11.96 -2.38
C GLU B 275 20.17 -12.60 -1.14
N ASN B 276 20.06 -11.99 0.04
CA ASN B 276 20.64 -12.58 1.28
C ASN B 276 19.94 -13.92 1.56
N TYR B 277 18.62 -13.95 1.49
CA TYR B 277 17.87 -15.20 1.71
C TYR B 277 18.36 -16.25 0.70
N GLU B 278 18.45 -15.90 -0.59
CA GLU B 278 18.87 -16.89 -1.63
CA GLU B 278 18.88 -16.87 -1.64
C GLU B 278 20.27 -17.40 -1.26
N ASN B 279 21.19 -16.51 -0.89
CA ASN B 279 22.56 -16.91 -0.47
C ASN B 279 22.48 -17.91 0.70
N LYS B 280 21.70 -17.60 1.74
CA LYS B 280 21.66 -18.39 2.99
C LYS B 280 20.88 -19.68 2.77
N THR B 281 20.17 -19.85 1.65
CA THR B 281 19.45 -21.12 1.36
C THR B 281 20.02 -21.74 0.07
N ASN B 282 21.25 -21.38 -0.31
CA ASN B 282 22.01 -22.03 -1.42
C ASN B 282 21.27 -21.93 -2.75
N TRP B 283 20.53 -20.84 -2.99
CA TRP B 283 19.82 -20.63 -4.27
C TRP B 283 19.02 -21.89 -4.61
N SER B 284 18.32 -22.50 -3.65
CA SER B 284 17.58 -23.79 -3.83
C SER B 284 16.12 -23.53 -4.25
N MET B 285 15.62 -22.30 -4.12
CA MET B 285 14.21 -21.99 -4.41
C MET B 285 14.08 -20.64 -5.11
N SER B 286 13.00 -20.50 -5.86
CA SER B 286 12.54 -19.21 -6.40
C SER B 286 11.90 -18.36 -5.27
N LEU B 287 11.81 -17.05 -5.48
CA LEU B 287 11.07 -16.11 -4.58
C LEU B 287 10.12 -15.28 -5.43
N PHE B 288 9.03 -14.83 -4.83
CA PHE B 288 8.10 -13.87 -5.46
C PHE B 288 8.83 -12.54 -5.68
N ASP B 289 8.70 -11.96 -6.88
CA ASP B 289 9.42 -10.72 -7.24
C ASP B 289 8.67 -9.54 -6.63
N VAL B 290 8.82 -9.36 -5.32
CA VAL B 290 8.09 -8.27 -4.59
C VAL B 290 8.50 -6.92 -5.15
N PRO B 291 9.79 -6.63 -5.38
CA PRO B 291 10.16 -5.33 -5.91
C PRO B 291 9.48 -4.99 -7.25
N LEU B 292 9.34 -5.97 -8.14
CA LEU B 292 8.71 -5.75 -9.47
C LEU B 292 7.23 -5.34 -9.24
N HIS B 293 6.50 -6.03 -8.34
CA HIS B 293 5.12 -5.60 -7.96
C HIS B 293 5.12 -4.13 -7.53
N MET B 294 6.06 -3.73 -6.68
CA MET B 294 6.15 -2.31 -6.17
C MET B 294 6.43 -1.36 -7.34
N ASN B 295 7.24 -1.77 -8.31
CA ASN B 295 7.52 -0.97 -9.52
C ASN B 295 6.22 -0.80 -10.32
N PHE B 296 5.44 -1.87 -10.52
CA PHE B 296 4.16 -1.81 -11.26
C PHE B 296 3.23 -0.81 -10.58
N GLN B 297 3.16 -0.87 -9.24
CA GLN B 297 2.30 0.02 -8.45
C GLN B 297 2.77 1.48 -8.64
N ALA B 298 4.08 1.73 -8.57
CA ALA B 298 4.63 3.11 -8.68
C ALA B 298 4.33 3.67 -10.08
N ALA B 299 4.50 2.86 -11.12
CA ALA B 299 4.24 3.26 -12.54
C ALA B 299 2.74 3.57 -12.69
N ALA B 300 1.86 2.72 -12.19
CA ALA B 300 0.39 2.95 -12.21
C ALA B 300 0.09 4.29 -11.51
N ASN B 301 0.70 4.52 -10.36
CA ASN B 301 0.31 5.62 -9.44
C ASN B 301 1.01 6.92 -9.85
N GLY B 302 1.94 6.86 -10.82
CA GLY B 302 2.65 8.03 -11.37
C GLY B 302 1.79 8.82 -12.35
N GLY B 303 0.69 8.24 -12.83
CA GLY B 303 -0.21 8.88 -13.79
C GLY B 303 0.51 9.45 -15.01
N GLY B 304 1.54 8.75 -15.54
CA GLY B 304 2.28 9.16 -16.75
C GLY B 304 3.63 9.76 -16.44
N TYR B 305 3.87 10.19 -15.20
CA TYR B 305 5.14 10.86 -14.81
C TYR B 305 6.19 9.87 -14.33
N TYR B 306 5.87 8.59 -14.18
CA TYR B 306 6.89 7.57 -13.81
C TYR B 306 7.91 7.50 -14.95
N ASP B 307 9.16 7.17 -14.65
CA ASP B 307 10.20 6.94 -15.70
C ASP B 307 10.17 5.46 -16.06
N MET B 308 9.47 5.12 -17.15
CA MET B 308 9.25 3.70 -17.54
C MET B 308 10.57 3.00 -17.85
N ARG B 309 11.69 3.75 -18.00
CA ARG B 309 13.04 3.14 -18.17
C ARG B 309 13.43 2.36 -16.91
N ASN B 310 12.85 2.70 -15.75
CA ASN B 310 13.24 2.14 -14.43
C ASN B 310 12.34 0.94 -14.05
N LEU B 311 11.41 0.49 -14.90
CA LEU B 311 10.33 -0.46 -14.51
C LEU B 311 10.89 -1.77 -13.93
N LEU B 312 12.02 -2.26 -14.46
CA LEU B 312 12.63 -3.56 -14.07
C LEU B 312 13.80 -3.40 -13.10
N ASN B 313 14.12 -2.17 -12.67
CA ASN B 313 15.30 -1.92 -11.79
C ASN B 313 15.09 -2.55 -10.41
N ASN B 314 16.11 -3.22 -9.88
CA ASN B 314 16.13 -3.73 -8.49
C ASN B 314 15.12 -4.87 -8.38
N THR B 315 14.85 -5.61 -9.45
CA THR B 315 13.90 -6.76 -9.41
C THR B 315 14.64 -8.11 -9.47
N MET B 316 13.95 -9.16 -9.04
CA MET B 316 14.36 -10.56 -9.32
C MET B 316 14.31 -10.82 -10.83
N MET B 317 13.31 -10.28 -11.52
N MET B 317 13.30 -10.29 -11.54
N MET B 317 13.32 -10.28 -11.54
CA MET B 317 13.13 -10.46 -12.99
CA MET B 317 13.17 -10.50 -13.00
CA MET B 317 13.17 -10.52 -13.00
C MET B 317 14.42 -10.08 -13.70
C MET B 317 14.47 -10.10 -13.69
C MET B 317 14.46 -10.10 -13.71
N LYS B 318 14.95 -8.89 -13.41
CA LYS B 318 16.17 -8.36 -14.08
C LYS B 318 17.41 -9.08 -13.55
N ASN B 319 17.52 -9.23 -12.24
CA ASN B 319 18.79 -9.62 -11.58
C ASN B 319 18.93 -11.13 -11.42
N HIS B 320 17.85 -11.87 -11.13
CA HIS B 320 17.92 -13.33 -10.86
C HIS B 320 16.74 -14.00 -11.56
N PRO B 321 16.62 -13.91 -12.91
CA PRO B 321 15.46 -14.44 -13.63
C PRO B 321 15.15 -15.90 -13.33
N ILE B 322 16.17 -16.73 -13.11
CA ILE B 322 15.93 -18.19 -12.91
C ILE B 322 15.12 -18.34 -11.62
N GLN B 323 15.32 -17.48 -10.62
CA GLN B 323 14.73 -17.65 -9.26
C GLN B 323 13.54 -16.71 -9.09
N ALA B 324 13.14 -15.98 -10.16
CA ALA B 324 12.03 -15.01 -10.13
C ALA B 324 10.67 -15.67 -10.38
N VAL B 325 9.74 -15.56 -9.42
CA VAL B 325 8.29 -15.79 -9.73
C VAL B 325 7.63 -14.43 -9.76
N THR B 326 7.26 -14.01 -10.95
CA THR B 326 6.79 -12.63 -11.21
C THR B 326 5.28 -12.60 -11.01
N PHE B 327 4.75 -11.47 -10.53
CA PHE B 327 3.29 -11.33 -10.29
C PHE B 327 2.91 -9.85 -10.36
N VAL B 328 1.64 -9.60 -10.67
CA VAL B 328 1.09 -8.21 -10.63
C VAL B 328 0.38 -7.96 -9.28
N ASP B 329 -0.47 -8.88 -8.83
CA ASP B 329 -1.13 -8.77 -7.51
C ASP B 329 -1.36 -10.18 -6.95
N ASN B 330 -1.72 -10.25 -5.67
CA ASN B 330 -1.93 -11.53 -4.94
C ASN B 330 -2.96 -11.29 -3.84
N HIS B 331 -3.23 -12.31 -3.03
CA HIS B 331 -4.32 -12.30 -2.03
C HIS B 331 -4.05 -11.32 -0.90
N ASP B 332 -2.79 -10.86 -0.72
CA ASP B 332 -2.39 -9.86 0.30
C ASP B 332 -2.42 -8.43 -0.26
N THR B 333 -2.21 -8.23 -1.56
CA THR B 333 -2.13 -6.88 -2.19
C THR B 333 -3.51 -6.46 -2.69
N GLU B 334 -4.50 -7.36 -2.72
CA GLU B 334 -5.86 -7.03 -3.20
C GLU B 334 -6.52 -6.06 -2.22
N PRO B 335 -7.54 -5.28 -2.67
CA PRO B 335 -8.16 -4.25 -1.84
C PRO B 335 -8.59 -4.81 -0.47
N GLY B 336 -8.20 -4.10 0.58
CA GLY B 336 -8.60 -4.42 1.97
C GLY B 336 -7.64 -5.37 2.67
N GLN B 337 -6.64 -5.95 2.01
CA GLN B 337 -5.84 -7.03 2.66
C GLN B 337 -4.51 -6.49 3.20
N ALA B 338 -3.69 -7.33 3.82
CA ALA B 338 -2.65 -6.86 4.78
C ALA B 338 -1.50 -6.14 4.06
N LEU B 339 -1.27 -6.45 2.79
CA LEU B 339 -0.22 -5.77 1.98
C LEU B 339 -0.84 -4.97 0.85
N GLN B 340 -2.00 -4.36 1.05
CA GLN B 340 -2.74 -3.64 -0.02
C GLN B 340 -1.82 -2.67 -0.77
N SER B 341 -1.73 -2.88 -2.07
CA SER B 341 -0.76 -2.19 -2.95
C SER B 341 -1.17 -2.56 -4.37
N TRP B 342 -2.46 -2.35 -4.65
CA TRP B 342 -3.19 -2.88 -5.81
C TRP B 342 -2.76 -2.12 -7.06
N VAL B 343 -2.42 -2.84 -8.13
CA VAL B 343 -2.09 -2.24 -9.45
C VAL B 343 -3.41 -1.89 -10.14
N SER B 344 -3.63 -0.61 -10.37
CA SER B 344 -4.88 -0.05 -10.97
C SER B 344 -5.24 -0.74 -12.29
N ASP B 345 -6.55 -0.88 -12.53
CA ASP B 345 -7.10 -1.47 -13.77
C ASP B 345 -6.35 -0.97 -15.01
N TRP B 346 -6.14 0.35 -15.18
CA TRP B 346 -5.61 0.89 -16.45
C TRP B 346 -4.21 0.29 -16.73
N PHE B 347 -3.38 0.17 -15.69
CA PHE B 347 -1.95 -0.22 -15.82
C PHE B 347 -1.82 -1.75 -15.78
N LYS B 348 -2.85 -2.46 -15.32
CA LYS B 348 -2.76 -3.93 -15.08
C LYS B 348 -2.36 -4.67 -16.38
N PRO B 349 -2.93 -4.35 -17.56
CA PRO B 349 -2.48 -4.98 -18.81
C PRO B 349 -1.01 -4.72 -19.15
N LEU B 350 -0.47 -3.53 -18.83
CA LEU B 350 0.97 -3.23 -19.07
C LEU B 350 1.84 -4.16 -18.18
N ALA B 351 1.46 -4.31 -16.91
CA ALA B 351 2.15 -5.16 -15.94
C ALA B 351 2.08 -6.62 -16.38
N TYR B 352 0.91 -7.12 -16.80
CA TYR B 352 0.79 -8.54 -17.24
C TYR B 352 1.58 -8.73 -18.55
N ALA B 353 1.58 -7.77 -19.47
CA ALA B 353 2.35 -7.93 -20.73
C ALA B 353 3.84 -8.03 -20.37
N THR B 354 4.25 -7.36 -19.27
CA THR B 354 5.66 -7.32 -18.80
C THR B 354 6.05 -8.74 -18.37
N ILE B 355 5.22 -9.38 -17.55
CA ILE B 355 5.56 -10.72 -16.99
C ILE B 355 5.27 -11.83 -18.02
N LEU B 356 4.33 -11.65 -18.96
CA LEU B 356 3.88 -12.75 -19.86
C LEU B 356 4.67 -12.82 -21.18
N THR B 357 5.22 -11.71 -21.69
CA THR B 357 5.89 -11.72 -23.03
C THR B 357 7.42 -11.61 -22.93
N ARG B 358 7.98 -11.42 -21.73
CA ARG B 358 9.44 -11.41 -21.51
C ARG B 358 9.93 -12.83 -21.12
N GLN B 359 11.21 -13.09 -21.40
CA GLN B 359 11.85 -14.41 -21.24
C GLN B 359 12.22 -14.63 -19.77
N GLU B 360 12.33 -13.56 -18.98
N GLU B 360 12.31 -13.56 -18.98
CA GLU B 360 12.77 -13.59 -17.57
CA GLU B 360 12.77 -13.57 -17.56
C GLU B 360 11.60 -14.00 -16.66
C GLU B 360 11.61 -13.99 -16.63
N GLY B 361 11.84 -14.97 -15.76
CA GLY B 361 10.91 -15.26 -14.66
C GLY B 361 9.85 -16.26 -15.04
N TYR B 362 9.19 -16.77 -14.02
CA TYR B 362 8.04 -17.71 -14.08
C TYR B 362 6.83 -16.87 -13.66
N PRO B 363 5.99 -16.40 -14.62
CA PRO B 363 4.89 -15.49 -14.28
C PRO B 363 3.76 -16.25 -13.58
N CYS B 364 3.10 -15.54 -12.67
CA CYS B 364 1.97 -16.06 -11.89
C CYS B 364 0.75 -15.17 -12.10
N VAL B 365 -0.30 -15.71 -12.72
CA VAL B 365 -1.60 -15.01 -12.95
C VAL B 365 -2.43 -15.11 -11.66
N PHE B 366 -3.01 -14.01 -11.22
CA PHE B 366 -3.86 -13.95 -10.00
C PHE B 366 -5.32 -14.32 -10.33
N TYR B 367 -5.88 -15.30 -9.64
CA TYR B 367 -7.32 -15.65 -9.67
C TYR B 367 -8.18 -14.37 -9.64
N GLY B 368 -7.86 -13.45 -8.73
CA GLY B 368 -8.66 -12.24 -8.51
C GLY B 368 -8.65 -11.36 -9.75
N ASP B 369 -7.60 -11.45 -10.57
CA ASP B 369 -7.53 -10.66 -11.82
C ASP B 369 -8.32 -11.42 -12.89
N TYR B 370 -8.08 -12.72 -13.04
CA TYR B 370 -8.69 -13.53 -14.13
C TYR B 370 -10.22 -13.58 -13.96
N TYR B 371 -10.70 -13.95 -12.77
CA TYR B 371 -12.13 -14.17 -12.49
C TYR B 371 -12.75 -12.98 -11.74
N GLY B 372 -11.94 -12.01 -11.35
CA GLY B 372 -12.47 -10.79 -10.71
C GLY B 372 -12.63 -11.02 -9.22
N ILE B 373 -12.98 -9.96 -8.50
CA ILE B 373 -13.22 -9.96 -7.03
C ILE B 373 -14.55 -9.26 -6.83
N PRO B 374 -15.68 -10.00 -7.00
CA PRO B 374 -17.01 -9.41 -6.96
C PRO B 374 -17.30 -8.67 -5.64
N SER B 375 -16.81 -9.16 -4.51
CA SER B 375 -17.01 -8.57 -3.17
C SER B 375 -16.36 -7.19 -3.12
N GLN B 376 -15.32 -6.92 -3.92
CA GLN B 376 -14.68 -5.57 -3.95
C GLN B 376 -15.02 -4.83 -5.27
N SER B 377 -16.02 -5.27 -6.01
CA SER B 377 -16.38 -4.69 -7.34
C SER B 377 -15.16 -4.61 -8.27
N VAL B 378 -14.30 -5.62 -8.29
CA VAL B 378 -13.17 -5.68 -9.25
C VAL B 378 -13.63 -6.55 -10.41
N SER B 379 -13.71 -5.99 -11.63
CA SER B 379 -14.08 -6.74 -12.86
C SER B 379 -13.11 -7.94 -13.10
N ALA B 380 -13.64 -9.00 -13.68
CA ALA B 380 -12.87 -10.10 -14.29
C ALA B 380 -12.09 -9.51 -15.48
N LYS B 381 -10.81 -9.88 -15.62
CA LYS B 381 -9.93 -9.41 -16.72
C LYS B 381 -9.69 -10.52 -17.73
N SER B 382 -10.33 -11.68 -17.60
CA SER B 382 -10.12 -12.87 -18.48
C SER B 382 -10.20 -12.52 -19.97
N THR B 383 -11.05 -11.58 -20.40
CA THR B 383 -11.25 -11.30 -21.85
C THR B 383 -9.94 -10.84 -22.47
N TRP B 384 -9.26 -9.86 -21.88
CA TRP B 384 -7.98 -9.37 -22.41
C TRP B 384 -6.83 -10.27 -21.92
N LEU B 385 -6.94 -10.90 -20.75
CA LEU B 385 -5.87 -11.82 -20.27
C LEU B 385 -5.70 -12.99 -21.23
N ASP B 386 -6.79 -13.51 -21.77
CA ASP B 386 -6.71 -14.69 -22.67
C ASP B 386 -5.86 -14.36 -23.90
N LYS B 387 -5.91 -13.11 -24.39
CA LYS B 387 -5.11 -12.75 -25.57
C LYS B 387 -3.62 -12.62 -25.20
N GLN B 388 -3.32 -12.04 -24.04
CA GLN B 388 -1.92 -11.97 -23.56
C GLN B 388 -1.40 -13.39 -23.29
N LEU B 389 -2.24 -14.28 -22.77
CA LEU B 389 -1.83 -15.69 -22.50
C LEU B 389 -1.57 -16.44 -23.81
N SER B 390 -2.32 -16.16 -24.86
CA SER B 390 -2.11 -16.73 -26.20
C SER B 390 -0.75 -16.23 -26.72
N ALA B 391 -0.45 -14.94 -26.52
CA ALA B 391 0.86 -14.35 -26.88
C ALA B 391 1.96 -15.16 -26.21
N ARG B 392 1.84 -15.43 -24.91
CA ARG B 392 2.89 -16.19 -24.18
C ARG B 392 2.97 -17.62 -24.71
N LYS B 393 1.82 -18.26 -24.89
CA LYS B 393 1.73 -19.72 -25.16
C LYS B 393 2.37 -20.04 -26.54
N SER B 394 2.07 -19.21 -27.54
CA SER B 394 2.32 -19.45 -28.98
C SER B 394 3.35 -18.48 -29.58
N TYR B 395 3.64 -17.32 -28.98
CA TYR B 395 4.46 -16.30 -29.68
C TYR B 395 5.69 -15.86 -28.87
N ALA B 396 5.71 -15.89 -27.54
CA ALA B 396 6.81 -15.34 -26.71
C ALA B 396 7.98 -16.33 -26.64
N TYR B 397 8.70 -16.47 -27.75
CA TYR B 397 9.83 -17.43 -27.89
C TYR B 397 11.02 -16.74 -28.59
N GLY B 398 12.22 -17.23 -28.30
CA GLY B 398 13.46 -16.84 -28.98
C GLY B 398 14.03 -15.55 -28.44
N THR B 399 15.06 -15.09 -29.13
CA THR B 399 16.01 -14.05 -28.67
C THR B 399 15.23 -12.76 -28.39
N GLN B 400 15.49 -12.14 -27.24
CA GLN B 400 14.78 -10.93 -26.78
C GLN B 400 15.66 -9.69 -26.97
N HIS B 401 15.07 -8.60 -27.44
CA HIS B 401 15.72 -7.28 -27.57
C HIS B 401 14.96 -6.27 -26.71
N ASP B 402 15.64 -5.68 -25.71
CA ASP B 402 15.01 -4.67 -24.84
C ASP B 402 15.15 -3.28 -25.45
N TYR B 403 14.08 -2.51 -25.36
CA TYR B 403 14.02 -1.06 -25.70
C TYR B 403 13.31 -0.34 -24.57
N LEU B 404 13.96 -0.35 -23.41
CA LEU B 404 13.52 0.43 -22.24
C LEU B 404 14.29 1.74 -22.22
N ASP B 405 14.01 2.62 -23.19
CA ASP B 405 14.88 3.77 -23.55
C ASP B 405 14.05 5.04 -23.72
N ASN B 406 12.86 5.11 -23.12
CA ASN B 406 12.04 6.35 -23.11
C ASN B 406 11.23 6.36 -21.80
N GLN B 407 11.07 7.54 -21.20
CA GLN B 407 10.38 7.66 -19.89
C GLN B 407 8.89 7.26 -20.00
N ASP B 408 8.35 7.22 -21.22
CA ASP B 408 6.91 6.96 -21.43
C ASP B 408 6.71 5.66 -22.21
N VAL B 409 7.33 5.55 -23.39
CA VAL B 409 7.07 4.47 -24.38
C VAL B 409 8.23 3.48 -24.30
N ILE B 410 7.96 2.24 -23.90
CA ILE B 410 8.99 1.16 -23.82
C ILE B 410 8.45 -0.06 -24.54
N GLY B 411 9.35 -0.98 -24.86
CA GLY B 411 8.97 -2.15 -25.64
C GLY B 411 10.11 -3.14 -25.67
N TRP B 412 9.83 -4.33 -26.19
CA TRP B 412 10.83 -5.40 -26.40
C TRP B 412 10.32 -6.32 -27.50
N THR B 413 11.22 -7.06 -28.12
CA THR B 413 10.82 -8.05 -29.14
C THR B 413 11.28 -9.42 -28.70
N ARG B 414 10.62 -10.42 -29.24
CA ARG B 414 11.07 -11.82 -29.27
C ARG B 414 11.14 -12.24 -30.74
N GLU B 415 12.25 -12.82 -31.18
CA GLU B 415 12.46 -13.17 -32.62
C GLU B 415 11.64 -14.41 -33.02
N GLY B 416 11.20 -15.23 -32.07
CA GLY B 416 10.58 -16.53 -32.39
C GLY B 416 11.63 -17.62 -32.35
N ASP B 417 11.19 -18.87 -32.20
CA ASP B 417 12.04 -20.08 -32.29
C ASP B 417 11.39 -21.03 -33.32
N SER B 418 12.16 -21.98 -33.84
CA SER B 418 11.67 -22.90 -34.89
C SER B 418 10.65 -23.87 -34.28
N ALA B 419 10.76 -24.22 -32.99
CA ALA B 419 9.85 -25.17 -32.32
C ALA B 419 8.42 -24.62 -32.30
N HIS B 420 8.23 -23.30 -32.42
CA HIS B 420 6.89 -22.66 -32.32
C HIS B 420 6.60 -21.89 -33.61
N ALA B 421 5.89 -22.51 -34.55
CA ALA B 421 5.63 -21.99 -35.90
C ALA B 421 4.93 -20.64 -35.73
N GLY B 422 5.44 -19.61 -36.41
CA GLY B 422 4.81 -18.29 -36.43
C GLY B 422 5.14 -17.45 -35.20
N SER B 423 5.98 -17.96 -34.29
CA SER B 423 6.32 -17.31 -33.00
C SER B 423 7.16 -16.06 -33.30
N GLY B 424 7.28 -15.18 -32.31
CA GLY B 424 7.91 -13.87 -32.37
C GLY B 424 6.87 -12.82 -32.05
N LEU B 425 7.27 -11.70 -31.44
CA LEU B 425 6.32 -10.61 -31.08
C LEU B 425 7.08 -9.32 -30.83
N ALA B 426 6.34 -8.22 -30.78
CA ALA B 426 6.86 -6.90 -30.36
C ALA B 426 5.83 -6.28 -29.41
N THR B 427 6.20 -6.18 -28.16
CA THR B 427 5.41 -5.50 -27.12
C THR B 427 5.84 -4.04 -27.07
N VAL B 428 4.87 -3.14 -27.08
CA VAL B 428 5.12 -1.69 -26.93
C VAL B 428 3.99 -1.15 -26.06
N MET B 429 4.33 -0.32 -25.10
CA MET B 429 3.39 0.20 -24.09
C MET B 429 3.78 1.64 -23.77
N SER B 430 2.84 2.41 -23.27
CA SER B 430 3.08 3.77 -22.73
C SER B 430 2.27 3.99 -21.44
N ASP B 431 2.87 4.67 -20.47
CA ASP B 431 2.15 5.08 -19.24
C ASP B 431 1.52 6.45 -19.50
N GLY B 432 1.78 7.01 -20.67
CA GLY B 432 1.41 8.39 -21.01
C GLY B 432 0.83 8.44 -22.42
N PRO B 433 1.20 9.41 -23.26
CA PRO B 433 0.67 9.50 -24.62
C PRO B 433 1.14 8.31 -25.47
N GLY B 434 0.30 7.96 -26.44
CA GLY B 434 0.60 6.97 -27.47
C GLY B 434 1.91 7.28 -28.18
N GLY B 435 2.49 6.27 -28.79
CA GLY B 435 3.75 6.45 -29.50
C GLY B 435 4.06 5.20 -30.26
N SER B 436 5.25 5.22 -30.83
CA SER B 436 5.79 4.18 -31.71
C SER B 436 7.24 3.89 -31.36
N LYS B 437 7.63 2.65 -31.54
CA LYS B 437 9.05 2.28 -31.37
C LYS B 437 9.49 1.43 -32.57
N THR B 438 10.57 1.80 -33.23
CA THR B 438 11.17 0.96 -34.31
C THR B 438 12.05 -0.08 -33.60
N MET B 439 11.67 -1.35 -33.68
CA MET B 439 12.37 -2.43 -32.95
C MET B 439 12.64 -3.58 -33.91
N TYR B 440 13.68 -4.34 -33.62
CA TYR B 440 14.11 -5.52 -34.40
C TYR B 440 13.41 -6.79 -33.90
N VAL B 441 12.50 -7.35 -34.71
CA VAL B 441 11.86 -8.67 -34.48
C VAL B 441 12.65 -9.78 -35.18
N GLY B 442 13.63 -9.45 -36.03
CA GLY B 442 14.41 -10.47 -36.75
C GLY B 442 14.23 -10.40 -38.24
N THR B 443 15.36 -10.59 -38.96
CA THR B 443 15.42 -10.56 -40.45
C THR B 443 14.59 -11.74 -40.97
N ALA B 444 14.48 -12.83 -40.21
CA ALA B 444 13.57 -13.94 -40.56
C ALA B 444 12.12 -13.48 -40.76
N HIS B 445 11.67 -12.38 -40.15
CA HIS B 445 10.28 -11.86 -40.30
C HIS B 445 10.16 -10.85 -41.45
N ALA B 446 11.27 -10.52 -42.13
CA ALA B 446 11.30 -9.54 -43.24
C ALA B 446 10.10 -9.76 -44.16
N GLY B 447 9.35 -8.69 -44.44
CA GLY B 447 8.23 -8.70 -45.40
C GLY B 447 6.93 -9.15 -44.78
N GLN B 448 6.92 -9.71 -43.56
CA GLN B 448 5.67 -10.14 -42.90
C GLN B 448 4.87 -8.92 -42.43
N VAL B 449 3.56 -9.09 -42.31
CA VAL B 449 2.61 -8.10 -41.73
C VAL B 449 2.26 -8.61 -40.33
N PHE B 450 2.34 -7.74 -39.32
CA PHE B 450 2.02 -8.05 -37.91
C PHE B 450 0.72 -7.30 -37.52
N LYS B 451 -0.08 -7.94 -36.68
CA LYS B 451 -1.33 -7.40 -36.12
C LYS B 451 -1.18 -7.30 -34.59
N ASP B 452 -2.02 -6.51 -33.95
CA ASP B 452 -2.07 -6.43 -32.47
C ASP B 452 -2.98 -7.54 -31.94
N ILE B 453 -2.39 -8.57 -31.35
CA ILE B 453 -3.14 -9.73 -30.76
C ILE B 453 -4.09 -9.23 -29.65
N THR B 454 -3.85 -8.08 -29.05
CA THR B 454 -4.75 -7.53 -27.99
C THR B 454 -6.02 -6.91 -28.59
N GLY B 455 -6.00 -6.59 -29.89
CA GLY B 455 -7.12 -5.84 -30.50
C GLY B 455 -7.12 -4.37 -30.13
N ASN B 456 -6.18 -3.89 -29.31
CA ASN B 456 -6.21 -2.47 -28.85
C ASN B 456 -5.99 -1.56 -30.05
N ARG B 457 -5.19 -2.00 -31.03
CA ARG B 457 -4.99 -1.29 -32.31
C ARG B 457 -5.47 -2.17 -33.46
N THR B 458 -6.00 -1.55 -34.51
CA THR B 458 -6.53 -2.26 -35.70
C THR B 458 -5.66 -2.02 -36.92
N ASP B 459 -4.63 -1.16 -36.84
CA ASP B 459 -3.65 -1.01 -37.94
C ASP B 459 -2.71 -2.22 -37.90
N THR B 460 -1.92 -2.41 -38.96
CA THR B 460 -0.91 -3.47 -39.07
C THR B 460 0.46 -2.82 -39.23
N VAL B 461 1.51 -3.61 -39.02
CA VAL B 461 2.94 -3.21 -39.10
C VAL B 461 3.64 -4.21 -40.01
N THR B 462 4.28 -3.73 -41.08
CA THR B 462 5.07 -4.54 -42.04
C THR B 462 6.54 -4.50 -41.61
N ILE B 463 7.19 -5.65 -41.56
CA ILE B 463 8.63 -5.76 -41.18
C ILE B 463 9.47 -5.45 -42.43
N ASN B 464 10.49 -4.61 -42.33
CA ASN B 464 11.38 -4.26 -43.46
C ASN B 464 12.48 -5.33 -43.59
N SER B 465 13.35 -5.21 -44.58
CA SER B 465 14.31 -6.27 -44.95
C SER B 465 15.44 -6.31 -43.90
N ALA B 466 15.60 -5.24 -43.12
CA ALA B 466 16.57 -5.17 -42.01
C ALA B 466 16.00 -5.80 -40.71
N GLY B 467 14.81 -6.41 -40.75
CA GLY B 467 14.19 -7.09 -39.59
C GLY B 467 13.50 -6.14 -38.59
N ASN B 468 13.17 -4.90 -39.00
CA ASN B 468 12.58 -3.87 -38.10
C ASN B 468 11.14 -3.55 -38.51
N GLY B 469 10.30 -3.25 -37.52
CA GLY B 469 8.98 -2.64 -37.73
C GLY B 469 8.85 -1.44 -36.82
N THR B 470 7.97 -0.50 -37.18
CA THR B 470 7.60 0.65 -36.32
C THR B 470 6.29 0.27 -35.62
N PHE B 471 6.38 -0.07 -34.33
CA PHE B 471 5.26 -0.65 -33.54
C PHE B 471 4.66 0.42 -32.64
N PRO B 472 3.39 0.81 -32.92
CA PRO B 472 2.66 1.74 -32.06
C PRO B 472 1.78 1.14 -30.95
N CYS B 473 1.50 1.95 -29.96
CA CYS B 473 0.53 1.67 -28.87
C CYS B 473 -0.31 2.91 -28.65
N ASN B 474 -1.51 2.73 -28.12
CA ASN B 474 -2.37 3.86 -27.66
C ASN B 474 -1.80 4.38 -26.35
N GLY B 475 -2.19 5.59 -25.96
CA GLY B 475 -1.76 6.17 -24.68
C GLY B 475 -2.29 5.33 -23.52
N GLY B 476 -1.52 5.20 -22.44
CA GLY B 476 -1.94 4.41 -21.25
C GLY B 476 -2.39 3.03 -21.64
N SER B 477 -1.63 2.33 -22.49
CA SER B 477 -2.09 1.08 -23.12
C SER B 477 -0.89 0.25 -23.56
N VAL B 478 -1.16 -0.98 -23.94
CA VAL B 478 -0.16 -1.92 -24.46
C VAL B 478 -0.74 -2.49 -25.75
N SER B 479 0.13 -2.69 -26.74
CA SER B 479 -0.14 -3.52 -27.92
C SER B 479 0.95 -4.61 -27.97
N ILE B 480 0.57 -5.82 -28.33
CA ILE B 480 1.50 -6.96 -28.54
C ILE B 480 1.34 -7.43 -29.99
N TRP B 481 2.39 -7.24 -30.79
CA TRP B 481 2.38 -7.39 -32.26
C TRP B 481 2.94 -8.76 -32.61
N VAL B 482 2.14 -9.55 -33.33
CA VAL B 482 2.51 -10.91 -33.81
C VAL B 482 2.22 -11.00 -35.32
N LYS B 483 2.84 -11.99 -35.96
CA LYS B 483 2.59 -12.30 -37.38
C LYS B 483 1.08 -12.56 -37.55
N GLN B 484 0.49 -11.86 -38.50
CA GLN B 484 -0.94 -11.92 -38.88
C GLN B 484 -1.27 -13.34 -39.35
#